data_9CPY
#
_entry.id   9CPY
#
_cell.length_a   109.245
_cell.length_b   109.245
_cell.length_c   229.199
_cell.angle_alpha   90.00
_cell.angle_beta   90.00
_cell.angle_gamma   90.00
#
_symmetry.space_group_name_H-M   'P 41 21 2'
#
loop_
_entity.id
_entity.type
_entity.pdbx_description
1 polymer 'C11-0860 Fab heavy chain'
2 polymer 'C11-0860 Fab light chain'
3 polymer 'CC12.3 Fab heavy chain'
4 polymer 'CC12.3 Fab light chain'
5 polymer 'Spike protein S1'
6 non-polymer 2-acetamido-2-deoxy-beta-D-glucopyranose
7 water water
#
loop_
_entity_poly.entity_id
_entity_poly.type
_entity_poly.pdbx_seq_one_letter_code
_entity_poly.pdbx_strand_id
1 'polypeptide(L)'
;EVQLVQSGAEVKKPGESLKISCKGSGYIFITYWIGWVRQMPGKGLEWMGIIYPGDSETRYSPSFQGQVTISADKSISTAY
LQWSSLKASDTAMYYCAGSSGIFTPMDVWGQGTTVTVSSASTKGPSVFPLAPSSKSTSGGTAALGCLVKDYFPEPVTVSW
NSGALTSGVHTFPAVLQSSGLYSLSSVVTVPSSSLGTQTYICNVNHKPSNTKVDKKVEPKSC
;
H
2 'polypeptide(L)'
;DIVMTQSPDSLAVSLGERATINCKSSQSVLYSSNNKNYLAWYQQKPGQPPKLLIYWTSTRESGVPDRFSGSGSGTDFTLT
ISSLQAEDVAVYYCQQYSSTPYTFGQGTKLEIKRTVAAPSVFIFPPSDEQLKSGTASVVCLLNNFYPREAKVQWKVDNAL
QSGNSQESVTEQDSKDSTYSLSSTLTLSKADYEKHKVYACEVTHQGLSSPVTKSFNRGEC
;
L
3 'polypeptide(L)'
;QVQLVESGGGLIQPGGSLRLSCAASGFTVSSNYMSWVRQAPGKGLEWVSVIYSGGSTFYADSVKGRFTISRDNSKSTLYL
QMNSLRVEDTAVYYCARDFGDFYFDYWGQGTLVTVSSASTKGPSVFPLAPSSKSTSGGTAALGCLVKDYFPEPVTVSWNS
GALTSGVHTFPAVLQSSGLYSLSSVVTVPSSSLGTQTYICNVNHKPSNTKVDKKVEPKSC
;
C
4 'polypeptide(L)'
;EIVLTQSPGTLSLSPGERATLSCRASQSVSSYLAWYQQKPGQAPRLLIYGASSRATGIPDRFSGSGSGTDFTLTISRLEP
EDFAVYYCQQYGSSPRTFGQGTKLEIKRTVAAPSVFIFPPSDEQLKSGTASVVCLLNNFYPREAKVQWKVDNALQSGNSQ
ESVTEQDSKDSTYSLSSTLTLSKADYEKHKVYACEVTHQGLSSPVTKSFNRGEC
;
D
5 'polypeptide(L)'
;TNLCPFGEVFNATRFASVYAWNRKRISNCVADYSVLYNSASFSTFKCYGVSPTKLNDLCFTNVYADSFVIRGDEVRQIAP
GQTGKIADYNYKLPDDFTGCVIAWNSNNLDSKVGGNYNYLYRLFRKSNLKPFERDISTEIYQAGSTPCNGVEGFNCYFPL
QSYGFQPTNGVGYQPYRVVVLSFELLHAPATVCGPKKSGHHHHHH
;
A
#
loop_
_chem_comp.id
_chem_comp.type
_chem_comp.name
_chem_comp.formula
NAG D-saccharide, beta linking 2-acetamido-2-deoxy-beta-D-glucopyranose 'C8 H15 N O6'
#
# COMPACT_ATOMS: atom_id res chain seq x y z
N GLU A 1 28.44 4.87 -17.82
CA GLU A 1 28.83 4.01 -16.72
C GLU A 1 28.11 4.41 -15.44
N VAL A 2 26.94 3.82 -15.21
CA VAL A 2 26.17 4.08 -14.00
C VAL A 2 26.70 3.19 -12.89
N GLN A 3 26.70 3.72 -11.65
CA GLN A 3 27.18 2.98 -10.50
C GLN A 3 26.17 3.05 -9.37
N LEU A 4 26.12 2.00 -8.56
CA LEU A 4 25.27 1.93 -7.38
C LEU A 4 26.15 1.73 -6.16
N VAL A 5 25.99 2.58 -5.16
CA VAL A 5 26.74 2.52 -3.92
C VAL A 5 25.76 2.33 -2.77
N GLN A 6 25.94 1.27 -2.01
CA GLN A 6 25.05 0.94 -0.89
C GLN A 6 25.66 1.42 0.42
N SER A 7 24.90 1.25 1.50
CA SER A 7 25.35 1.67 2.82
C SER A 7 26.35 0.66 3.38
N GLY A 8 26.85 0.94 4.59
CA GLY A 8 27.82 0.07 5.22
C GLY A 8 27.21 -1.16 5.85
N ALA A 9 28.08 -2.03 6.35
CA ALA A 9 27.63 -3.26 6.99
C ALA A 9 26.85 -2.94 8.26
N GLU A 10 25.82 -3.74 8.52
CA GLU A 10 24.92 -3.53 9.65
C GLU A 10 24.93 -4.75 10.55
N VAL A 11 25.10 -4.53 11.85
CA VAL A 11 24.99 -5.58 12.86
C VAL A 11 23.95 -5.12 13.88
N LYS A 12 22.85 -5.87 13.98
CA LYS A 12 21.73 -5.49 14.81
C LYS A 12 21.26 -6.69 15.64
N LYS A 13 20.66 -6.39 16.79
CA LYS A 13 20.03 -7.41 17.61
C LYS A 13 18.66 -7.75 17.07
N PRO A 14 18.15 -8.96 17.33
CA PRO A 14 16.82 -9.31 16.84
C PRO A 14 15.74 -8.41 17.41
N GLY A 15 14.74 -8.10 16.59
CA GLY A 15 13.66 -7.23 16.98
C GLY A 15 13.88 -5.76 16.67
N GLU A 16 15.07 -5.37 16.25
CA GLU A 16 15.33 -3.97 15.93
C GLU A 16 14.79 -3.63 14.54
N SER A 17 14.86 -2.33 14.22
CA SER A 17 14.46 -1.82 12.92
C SER A 17 15.70 -1.38 12.16
N LEU A 18 15.79 -1.77 10.89
CA LEU A 18 16.95 -1.47 10.06
C LEU A 18 16.51 -0.80 8.76
N LYS A 19 17.30 0.16 8.30
CA LYS A 19 17.04 0.85 7.04
C LYS A 19 18.37 1.03 6.32
N ILE A 20 18.56 0.28 5.24
CA ILE A 20 19.79 0.35 4.44
C ILE A 20 19.50 1.11 3.16
N SER A 21 20.50 1.81 2.66
CA SER A 21 20.36 2.73 1.54
C SER A 21 21.13 2.24 0.33
N CYS A 22 20.81 2.83 -0.83
CA CYS A 22 21.43 2.48 -2.10
C CYS A 22 21.34 3.71 -3.01
N LYS A 23 22.45 4.43 -3.14
CA LYS A 23 22.50 5.65 -3.93
C LYS A 23 23.19 5.39 -5.27
N GLY A 24 22.61 5.91 -6.35
CA GLY A 24 23.14 5.72 -7.68
C GLY A 24 23.54 7.04 -8.31
N SER A 25 24.52 6.98 -9.20
CA SER A 25 25.00 8.14 -9.92
C SER A 25 25.13 7.79 -11.41
N GLY A 26 24.66 8.69 -12.26
CA GLY A 26 24.71 8.47 -13.70
C GLY A 26 23.68 9.34 -14.41
N TYR A 27 24.04 9.86 -15.58
CA TYR A 27 23.13 10.75 -16.30
C TYR A 27 21.84 10.02 -16.68
N ILE A 28 21.96 8.81 -17.22
CA ILE A 28 20.79 8.01 -17.57
C ILE A 28 20.39 7.24 -16.32
N PHE A 29 19.60 7.90 -15.47
CA PHE A 29 19.13 7.29 -14.23
C PHE A 29 17.63 7.43 -14.02
N ILE A 30 16.97 8.39 -14.66
CA ILE A 30 15.51 8.47 -14.59
C ILE A 30 14.89 7.21 -15.18
N THR A 31 15.59 6.56 -16.11
CA THR A 31 15.11 5.34 -16.72
C THR A 31 15.39 4.09 -15.89
N TYR A 32 16.23 4.20 -14.86
CA TYR A 32 16.72 3.03 -14.14
C TYR A 32 15.78 2.67 -13.00
N TRP A 33 15.29 1.43 -13.03
CA TRP A 33 14.53 0.86 -11.93
C TRP A 33 15.49 0.22 -10.94
N ILE A 34 15.22 0.40 -9.66
CA ILE A 34 16.08 -0.10 -8.59
C ILE A 34 15.36 -1.25 -7.90
N GLY A 35 16.02 -2.41 -7.86
CA GLY A 35 15.49 -3.59 -7.19
C GLY A 35 16.40 -4.03 -6.06
N TRP A 36 15.93 -5.05 -5.35
CA TRP A 36 16.66 -5.60 -4.21
C TRP A 36 16.75 -7.11 -4.31
N VAL A 37 17.93 -7.65 -4.03
CA VAL A 37 18.20 -9.08 -4.10
C VAL A 37 18.82 -9.52 -2.78
N ARG A 38 18.28 -10.59 -2.20
CA ARG A 38 18.80 -11.16 -0.97
C ARG A 38 19.60 -12.42 -1.28
N GLN A 39 20.77 -12.54 -0.66
CA GLN A 39 21.63 -13.72 -0.81
C GLN A 39 22.03 -14.20 0.57
N MET A 40 21.38 -15.26 1.05
CA MET A 40 21.73 -15.82 2.34
C MET A 40 23.08 -16.52 2.27
N PRO A 41 23.79 -16.62 3.39
CA PRO A 41 25.16 -17.16 3.37
C PRO A 41 25.22 -18.56 2.76
N GLY A 42 26.01 -18.69 1.70
CA GLY A 42 26.20 -19.95 1.02
C GLY A 42 25.11 -20.34 0.06
N LYS A 43 24.08 -19.52 -0.11
CA LYS A 43 22.94 -19.83 -0.96
C LYS A 43 22.91 -18.91 -2.17
N GLY A 44 21.90 -19.10 -3.00
CA GLY A 44 21.77 -18.36 -4.24
C GLY A 44 21.17 -16.97 -4.05
N LEU A 45 20.70 -16.41 -5.15
CA LEU A 45 20.15 -15.05 -5.16
C LEU A 45 18.62 -15.13 -5.12
N GLU A 46 18.02 -14.29 -4.27
CA GLU A 46 16.58 -14.22 -4.11
C GLU A 46 16.12 -12.81 -4.38
N TRP A 47 15.16 -12.66 -5.30
CA TRP A 47 14.65 -11.35 -5.69
C TRP A 47 13.53 -10.93 -4.75
N MET A 48 13.68 -9.75 -4.14
CA MET A 48 12.73 -9.26 -3.15
C MET A 48 11.68 -8.32 -3.74
N GLY A 49 12.10 -7.34 -4.52
CA GLY A 49 11.16 -6.41 -5.09
C GLY A 49 11.86 -5.45 -6.03
N ILE A 50 11.11 -4.43 -6.47
CA ILE A 50 11.65 -3.41 -7.36
C ILE A 50 10.82 -2.14 -7.17
N ILE A 51 11.46 -1.00 -7.37
CA ILE A 51 10.79 0.29 -7.26
C ILE A 51 11.31 1.21 -8.36
N TYR A 52 10.42 2.01 -8.93
CA TYR A 52 10.81 3.05 -9.85
C TYR A 52 10.89 4.37 -9.10
N PRO A 53 12.06 5.01 -9.03
CA PRO A 53 12.20 6.20 -8.18
C PRO A 53 11.29 7.37 -8.57
N GLY A 54 10.88 7.47 -9.83
CA GLY A 54 10.12 8.64 -10.26
C GLY A 54 8.77 8.74 -9.59
N ASP A 55 7.99 7.67 -9.64
CA ASP A 55 6.65 7.65 -9.07
C ASP A 55 6.52 6.69 -7.89
N SER A 56 7.63 6.13 -7.42
CA SER A 56 7.66 5.24 -6.26
C SER A 56 6.76 4.02 -6.43
N GLU A 57 6.52 3.62 -7.68
CA GLU A 57 5.79 2.38 -7.94
C GLU A 57 6.62 1.20 -7.46
N THR A 58 6.08 0.43 -6.52
CA THR A 58 6.80 -0.67 -5.91
C THR A 58 6.07 -1.98 -6.18
N ARG A 59 6.80 -2.97 -6.69
CA ARG A 59 6.26 -4.31 -6.91
C ARG A 59 7.09 -5.28 -6.08
N TYR A 60 6.44 -6.00 -5.16
CA TYR A 60 7.12 -6.92 -4.27
C TYR A 60 6.95 -8.36 -4.75
N SER A 61 7.97 -9.16 -4.50
CA SER A 61 7.83 -10.60 -4.66
C SER A 61 6.87 -11.14 -3.61
N PRO A 62 6.05 -12.14 -3.95
CA PRO A 62 5.13 -12.70 -2.94
C PRO A 62 5.84 -13.24 -1.71
N SER A 63 7.05 -13.77 -1.87
CA SER A 63 7.80 -14.27 -0.72
C SER A 63 8.24 -13.15 0.21
N PHE A 64 8.30 -11.91 -0.28
CA PHE A 64 8.71 -10.77 0.54
C PHE A 64 7.61 -9.73 0.69
N GLN A 65 6.39 -10.02 0.23
CA GLN A 65 5.29 -9.09 0.38
C GLN A 65 4.96 -8.88 1.84
N GLY A 66 4.95 -7.62 2.28
CA GLY A 66 4.64 -7.28 3.65
C GLY A 66 5.76 -7.53 4.63
N GLN A 67 6.68 -8.44 4.29
CA GLN A 67 7.81 -8.74 5.16
C GLN A 67 8.83 -7.60 5.19
N VAL A 68 8.86 -6.76 4.15
CA VAL A 68 9.82 -5.67 4.04
C VAL A 68 9.16 -4.52 3.28
N THR A 69 9.71 -3.33 3.45
CA THR A 69 9.20 -2.13 2.79
C THR A 69 10.29 -1.53 1.92
N ILE A 70 9.97 -1.31 0.65
CA ILE A 70 10.90 -0.71 -0.31
C ILE A 70 10.44 0.71 -0.58
N SER A 71 11.33 1.68 -0.37
CA SER A 71 11.02 3.09 -0.52
C SER A 71 12.04 3.73 -1.46
N ALA A 72 11.79 4.99 -1.78
CA ALA A 72 12.68 5.75 -2.65
C ALA A 72 12.60 7.23 -2.30
N ASP A 73 13.64 7.95 -2.70
CA ASP A 73 13.72 9.41 -2.51
C ASP A 73 14.44 9.97 -3.75
N LYS A 74 13.65 10.39 -4.74
CA LYS A 74 14.23 10.86 -6.00
C LYS A 74 15.03 12.13 -5.83
N SER A 75 14.83 12.87 -4.74
CA SER A 75 15.60 14.09 -4.51
C SER A 75 17.09 13.79 -4.38
N ILE A 76 17.45 12.73 -3.66
CA ILE A 76 18.84 12.36 -3.43
C ILE A 76 19.22 11.12 -4.23
N SER A 77 18.32 10.61 -5.07
CA SER A 77 18.59 9.46 -5.92
C SER A 77 19.02 8.23 -5.11
N THR A 78 18.29 7.97 -4.03
CA THR A 78 18.58 6.85 -3.15
C THR A 78 17.35 5.96 -3.01
N ALA A 79 17.60 4.66 -2.86
CA ALA A 79 16.56 3.68 -2.61
C ALA A 79 16.82 3.01 -1.27
N TYR A 80 15.74 2.57 -0.62
CA TYR A 80 15.82 2.06 0.75
C TYR A 80 15.11 0.72 0.87
N LEU A 81 15.60 -0.09 1.81
CA LEU A 81 15.03 -1.40 2.13
C LEU A 81 14.96 -1.49 3.65
N GLN A 82 13.75 -1.41 4.21
CA GLN A 82 13.57 -1.24 5.64
C GLN A 82 12.76 -2.41 6.22
N TRP A 83 13.23 -2.95 7.34
CA TRP A 83 12.52 -3.95 8.10
C TRP A 83 11.94 -3.31 9.36
N SER A 84 10.66 -3.57 9.63
CA SER A 84 10.05 -3.07 10.86
C SER A 84 10.68 -3.76 12.08
N SER A 85 10.75 -5.09 12.06
CA SER A 85 11.33 -5.87 13.15
C SER A 85 12.25 -6.92 12.55
N LEU A 86 13.52 -6.89 12.97
CA LEU A 86 14.51 -7.82 12.43
C LEU A 86 14.42 -9.17 13.12
N LYS A 87 14.59 -10.23 12.33
CA LYS A 87 14.64 -11.60 12.83
C LYS A 87 15.98 -12.21 12.45
N ALA A 88 16.43 -13.18 13.24
CA ALA A 88 17.69 -13.85 12.96
C ALA A 88 17.70 -14.52 11.60
N SER A 89 16.52 -14.82 11.05
CA SER A 89 16.43 -15.40 9.72
C SER A 89 16.85 -14.44 8.62
N ASP A 90 17.03 -13.16 8.94
CA ASP A 90 17.39 -12.15 7.96
C ASP A 90 18.88 -11.94 7.82
N THR A 91 19.70 -12.77 8.46
CA THR A 91 21.16 -12.66 8.33
C THR A 91 21.53 -13.03 6.91
N ALA A 92 21.85 -12.02 6.10
CA ALA A 92 22.18 -12.24 4.69
C ALA A 92 22.85 -10.97 4.16
N MET A 93 23.38 -11.09 2.95
CA MET A 93 23.95 -9.95 2.23
C MET A 93 22.93 -9.48 1.21
N TYR A 94 22.68 -8.17 1.18
CA TYR A 94 21.65 -7.58 0.35
C TYR A 94 22.29 -6.70 -0.72
N TYR A 95 21.95 -6.97 -1.97
CA TYR A 95 22.39 -6.17 -3.10
C TYR A 95 21.20 -5.35 -3.63
N CYS A 96 21.51 -4.18 -4.17
CA CYS A 96 20.55 -3.42 -4.95
C CYS A 96 20.98 -3.42 -6.41
N ALA A 97 20.06 -3.78 -7.30
CA ALA A 97 20.35 -3.92 -8.72
C ALA A 97 19.56 -2.88 -9.50
N GLY A 98 20.24 -2.25 -10.47
CA GLY A 98 19.63 -1.25 -11.32
C GLY A 98 19.39 -1.79 -12.71
N SER A 99 18.19 -1.52 -13.22
CA SER A 99 17.81 -1.90 -14.58
C SER A 99 17.08 -0.73 -15.22
N SER A 100 17.35 -0.51 -16.52
CA SER A 100 16.79 0.63 -17.24
C SER A 100 15.34 0.43 -17.64
N GLY A 101 14.67 -0.56 -17.05
CA GLY A 101 13.25 -0.73 -17.25
C GLY A 101 12.77 -1.89 -16.40
N ILE A 102 11.45 -2.02 -16.34
CA ILE A 102 10.86 -3.24 -15.82
C ILE A 102 10.85 -4.27 -16.93
N PHE A 103 11.06 -5.54 -16.56
CA PHE A 103 11.20 -6.63 -17.53
C PHE A 103 12.39 -6.40 -18.45
N THR A 104 13.50 -5.97 -17.87
CA THR A 104 14.78 -5.86 -18.52
C THR A 104 15.83 -6.38 -17.55
N PRO A 105 16.97 -6.86 -18.05
CA PRO A 105 18.01 -7.35 -17.14
C PRO A 105 18.60 -6.23 -16.28
N MET A 106 19.11 -6.63 -15.12
CA MET A 106 19.70 -5.69 -14.16
C MET A 106 21.19 -5.54 -14.48
N ASP A 107 21.57 -4.39 -15.03
CA ASP A 107 22.94 -4.16 -15.49
C ASP A 107 23.85 -3.68 -14.36
N VAL A 108 23.39 -2.72 -13.57
CA VAL A 108 24.20 -2.07 -12.54
C VAL A 108 23.90 -2.73 -11.21
N TRP A 109 24.95 -3.15 -10.51
CA TRP A 109 24.84 -3.77 -9.20
C TRP A 109 25.66 -2.99 -8.18
N GLY A 110 25.16 -2.92 -6.96
CA GLY A 110 25.92 -2.33 -5.88
C GLY A 110 26.97 -3.28 -5.33
N GLN A 111 27.77 -2.75 -4.40
CA GLN A 111 28.82 -3.58 -3.80
C GLN A 111 28.26 -4.57 -2.79
N GLY A 112 27.05 -4.35 -2.30
CA GLY A 112 26.43 -5.25 -1.34
C GLY A 112 26.48 -4.70 0.07
N THR A 113 25.50 -5.11 0.87
CA THR A 113 25.43 -4.74 2.29
C THR A 113 25.24 -5.99 3.11
N THR A 114 26.08 -6.16 4.14
CA THR A 114 26.05 -7.35 4.98
C THR A 114 25.27 -7.04 6.25
N VAL A 115 24.20 -7.78 6.48
CA VAL A 115 23.34 -7.60 7.64
C VAL A 115 23.46 -8.85 8.50
N THR A 116 24.01 -8.70 9.70
CA THR A 116 24.19 -9.81 10.64
C THR A 116 23.30 -9.54 11.85
N VAL A 117 22.17 -10.23 11.92
CA VAL A 117 21.24 -10.11 13.04
C VAL A 117 21.44 -11.31 13.96
N SER A 118 21.81 -11.04 15.20
CA SER A 118 22.09 -12.09 16.17
C SER A 118 21.90 -11.52 17.56
N SER A 119 21.61 -12.41 18.51
CA SER A 119 21.46 -12.01 19.91
C SER A 119 22.79 -11.91 20.63
N ALA A 120 23.90 -12.24 19.98
CA ALA A 120 25.22 -12.15 20.59
C ALA A 120 25.68 -10.69 20.64
N SER A 121 26.68 -10.45 21.48
CA SER A 121 27.24 -9.12 21.67
C SER A 121 28.69 -9.12 21.22
N THR A 122 29.22 -7.91 21.03
CA THR A 122 30.60 -7.76 20.56
C THR A 122 31.57 -8.38 21.55
N LYS A 123 32.46 -9.24 21.04
CA LYS A 123 33.48 -9.88 21.84
C LYS A 123 34.77 -9.95 21.04
N GLY A 124 35.88 -9.60 21.69
CA GLY A 124 37.17 -9.65 21.06
C GLY A 124 37.64 -11.07 20.81
N PRO A 125 38.40 -11.27 19.74
CA PRO A 125 38.91 -12.61 19.43
C PRO A 125 40.02 -13.02 20.40
N SER A 126 40.16 -14.34 20.55
CA SER A 126 41.27 -14.93 21.28
C SER A 126 42.18 -15.61 20.27
N VAL A 127 43.45 -15.18 20.23
CA VAL A 127 44.41 -15.63 19.23
C VAL A 127 45.37 -16.60 19.90
N PHE A 128 45.49 -17.79 19.33
CA PHE A 128 46.41 -18.80 19.82
C PHE A 128 47.28 -19.30 18.68
N PRO A 129 48.53 -19.65 18.96
CA PRO A 129 49.43 -20.07 17.89
C PRO A 129 49.32 -21.57 17.59
N LEU A 130 49.47 -21.89 16.31
CA LEU A 130 49.59 -23.27 15.86
C LEU A 130 51.09 -23.54 15.67
N ALA A 131 51.69 -24.16 16.67
CA ALA A 131 53.14 -24.29 16.71
C ALA A 131 53.64 -25.20 15.59
N PRO A 132 54.65 -24.80 14.83
CA PRO A 132 55.23 -25.69 13.82
C PRO A 132 56.21 -26.67 14.48
N SER A 133 56.09 -27.94 14.13
CA SER A 133 56.87 -28.98 14.78
C SER A 133 57.19 -30.06 13.74
N SER A 134 57.70 -31.20 14.23
CA SER A 134 57.88 -32.36 13.37
C SER A 134 56.56 -32.87 12.82
N LYS A 135 55.45 -32.59 13.51
CA LYS A 135 54.11 -32.93 13.06
C LYS A 135 53.54 -31.92 12.08
N SER A 136 54.28 -30.83 11.79
CA SER A 136 53.79 -29.76 10.92
C SER A 136 54.78 -29.42 9.82
N THR A 137 55.70 -30.32 9.51
CA THR A 137 56.71 -30.08 8.49
C THR A 137 56.63 -31.15 7.41
N SER A 138 56.90 -30.74 6.17
CA SER A 138 56.91 -31.64 5.01
C SER A 138 58.33 -31.81 4.48
N GLY A 139 59.31 -31.89 5.38
CA GLY A 139 60.69 -32.01 4.99
C GLY A 139 61.34 -30.68 4.70
N GLY A 140 60.98 -30.07 3.57
CA GLY A 140 61.54 -28.79 3.19
C GLY A 140 60.66 -27.61 3.54
N THR A 141 59.38 -27.88 3.81
CA THR A 141 58.41 -26.84 4.12
C THR A 141 57.74 -27.14 5.45
N ALA A 142 57.55 -26.10 6.25
CA ALA A 142 56.91 -26.20 7.56
C ALA A 142 55.62 -25.38 7.56
N ALA A 143 54.56 -25.96 8.11
CA ALA A 143 53.25 -25.32 8.16
C ALA A 143 53.00 -24.79 9.57
N LEU A 144 52.69 -23.49 9.66
CA LEU A 144 52.36 -22.86 10.93
C LEU A 144 51.18 -21.92 10.73
N GLY A 145 50.48 -21.63 11.81
CA GLY A 145 49.31 -20.78 11.69
C GLY A 145 48.86 -20.22 13.01
N CYS A 146 47.78 -19.44 12.96
CA CYS A 146 47.17 -18.80 14.12
C CYS A 146 45.71 -19.20 14.20
N LEU A 147 45.24 -19.43 15.42
CA LEU A 147 43.85 -19.82 15.68
C LEU A 147 43.11 -18.64 16.29
N VAL A 148 42.10 -18.15 15.59
CA VAL A 148 41.26 -17.05 16.05
C VAL A 148 39.92 -17.64 16.48
N LYS A 149 39.56 -17.44 17.74
CA LYS A 149 38.38 -18.06 18.31
C LYS A 149 37.53 -17.05 19.07
N ASP A 150 36.23 -17.29 19.06
CA ASP A 150 35.27 -16.63 19.95
C ASP A 150 35.30 -15.11 19.78
N TYR A 151 34.91 -14.67 18.58
CA TYR A 151 34.78 -13.24 18.30
C TYR A 151 33.43 -12.98 17.63
N PHE A 152 32.96 -11.74 17.78
CA PHE A 152 31.73 -11.31 17.16
C PHE A 152 31.77 -9.79 17.04
N PRO A 153 31.31 -9.21 15.92
CA PRO A 153 30.84 -9.87 14.70
C PRO A 153 31.92 -9.95 13.62
N GLU A 154 31.52 -10.32 12.41
CA GLU A 154 32.43 -10.25 11.28
C GLU A 154 32.77 -8.79 10.96
N PRO A 155 33.95 -8.53 10.36
CA PRO A 155 35.00 -9.47 9.96
C PRO A 155 36.24 -9.39 10.83
N VAL A 156 37.20 -10.28 10.58
CA VAL A 156 38.51 -10.28 11.22
C VAL A 156 39.57 -10.36 10.13
N THR A 157 40.54 -9.46 10.18
CA THR A 157 41.63 -9.43 9.22
C THR A 157 42.89 -10.02 9.86
N VAL A 158 43.48 -11.03 9.22
CA VAL A 158 44.68 -11.69 9.70
C VAL A 158 45.77 -11.50 8.67
N SER A 159 46.92 -11.00 9.11
CA SER A 159 48.07 -10.78 8.23
C SER A 159 49.31 -11.31 8.91
N TRP A 160 50.29 -11.72 8.09
CA TRP A 160 51.54 -12.28 8.58
C TRP A 160 52.69 -11.35 8.22
N ASN A 161 53.53 -11.06 9.21
CA ASN A 161 54.62 -10.10 9.08
C ASN A 161 54.12 -8.74 8.62
N SER A 162 52.92 -8.37 9.08
CA SER A 162 52.29 -7.09 8.74
C SER A 162 52.14 -6.93 7.23
N GLY A 163 51.62 -7.97 6.58
CA GLY A 163 51.39 -7.95 5.15
C GLY A 163 52.59 -8.29 4.30
N ALA A 164 53.75 -8.52 4.90
CA ALA A 164 54.94 -8.85 4.12
C ALA A 164 54.88 -10.29 3.60
N LEU A 165 54.45 -11.23 4.43
CA LEU A 165 54.39 -12.64 4.06
C LEU A 165 53.02 -12.92 3.46
N THR A 166 52.98 -13.12 2.14
CA THR A 166 51.74 -13.35 1.43
C THR A 166 51.72 -14.65 0.63
N SER A 167 52.86 -15.07 0.06
CA SER A 167 52.91 -16.31 -0.69
C SER A 167 52.75 -17.50 0.25
N GLY A 168 51.85 -18.41 -0.11
CA GLY A 168 51.64 -19.62 0.66
C GLY A 168 50.75 -19.46 1.88
N VAL A 169 50.02 -18.35 2.00
CA VAL A 169 49.14 -18.12 3.15
C VAL A 169 47.75 -18.63 2.80
N HIS A 170 47.02 -19.05 3.84
CA HIS A 170 45.64 -19.51 3.69
C HIS A 170 44.86 -19.08 4.91
N THR A 171 43.92 -18.15 4.73
CA THR A 171 43.03 -17.71 5.79
C THR A 171 41.66 -18.34 5.54
N PHE A 172 41.28 -19.31 6.37
CA PHE A 172 40.06 -20.05 6.16
C PHE A 172 38.84 -19.19 6.48
N PRO A 173 37.72 -19.42 5.80
CA PRO A 173 36.50 -18.67 6.11
C PRO A 173 36.04 -18.90 7.53
N ALA A 174 35.49 -17.86 8.15
CA ALA A 174 35.01 -17.96 9.51
C ALA A 174 33.84 -18.92 9.61
N VAL A 175 33.87 -19.77 10.63
CA VAL A 175 32.79 -20.72 10.90
C VAL A 175 32.04 -20.26 12.15
N LEU A 176 30.72 -20.29 12.08
CA LEU A 176 29.87 -19.85 13.18
C LEU A 176 29.67 -21.01 14.15
N GLN A 177 30.11 -20.81 15.39
CA GLN A 177 29.95 -21.83 16.42
C GLN A 177 28.56 -21.76 17.03
N SER A 178 28.19 -22.85 17.72
CA SER A 178 26.90 -22.89 18.42
C SER A 178 26.82 -21.87 19.54
N SER A 179 27.96 -21.36 20.01
CA SER A 179 27.98 -20.32 21.02
C SER A 179 27.52 -18.97 20.49
N GLY A 180 27.33 -18.84 19.17
CA GLY A 180 27.00 -17.57 18.56
C GLY A 180 28.20 -16.75 18.13
N LEU A 181 29.41 -17.23 18.39
CA LEU A 181 30.64 -16.54 18.00
C LEU A 181 31.29 -17.27 16.84
N TYR A 182 32.16 -16.56 16.15
CA TYR A 182 32.87 -17.10 15.00
C TYR A 182 34.26 -17.61 15.39
N SER A 183 34.77 -18.52 14.57
CA SER A 183 36.13 -19.03 14.72
C SER A 183 36.79 -19.05 13.35
N LEU A 184 38.08 -18.74 13.33
CA LEU A 184 38.81 -18.63 12.08
C LEU A 184 40.25 -19.09 12.30
N SER A 185 40.82 -19.68 11.25
CA SER A 185 42.20 -20.15 11.29
C SER A 185 42.91 -19.69 10.03
N SER A 186 44.12 -19.16 10.19
CA SER A 186 44.96 -18.75 9.07
C SER A 186 46.31 -19.45 9.22
N VAL A 187 46.78 -20.07 8.13
CA VAL A 187 48.03 -20.83 8.16
C VAL A 187 48.89 -20.40 6.98
N VAL A 188 50.21 -20.55 7.16
CA VAL A 188 51.20 -20.18 6.15
C VAL A 188 52.18 -21.33 6.01
N THR A 189 52.58 -21.62 4.78
CA THR A 189 53.61 -22.61 4.49
C THR A 189 54.92 -21.88 4.21
N VAL A 190 55.93 -22.12 5.05
CA VAL A 190 57.22 -21.46 4.93
C VAL A 190 58.30 -22.54 4.91
N PRO A 191 59.47 -22.24 4.35
CA PRO A 191 60.56 -23.22 4.37
C PRO A 191 60.94 -23.61 5.78
N SER A 192 61.23 -24.90 5.96
CA SER A 192 61.59 -25.42 7.29
C SER A 192 62.97 -24.97 7.73
N SER A 193 63.78 -24.39 6.84
CA SER A 193 65.09 -23.88 7.20
C SER A 193 65.04 -22.47 7.77
N SER A 194 63.89 -21.81 7.71
CA SER A 194 63.74 -20.44 8.20
C SER A 194 63.04 -20.38 9.56
N LEU A 195 62.88 -21.52 10.24
CA LEU A 195 62.21 -21.54 11.54
C LEU A 195 63.01 -20.81 12.61
N GLY A 196 64.31 -20.61 12.41
CA GLY A 196 65.12 -19.90 13.38
C GLY A 196 65.54 -18.52 12.91
N THR A 197 65.83 -18.41 11.60
CA THR A 197 66.28 -17.13 11.06
C THR A 197 65.17 -16.08 11.11
N GLN A 198 63.97 -16.44 10.70
CA GLN A 198 62.86 -15.51 10.58
C GLN A 198 61.94 -15.61 11.80
N THR A 199 61.27 -14.50 12.10
CA THR A 199 60.26 -14.44 13.14
C THR A 199 58.90 -14.28 12.48
N TYR A 200 58.00 -15.24 12.70
CA TYR A 200 56.69 -15.24 12.09
C TYR A 200 55.66 -14.79 13.11
N ILE A 201 55.00 -13.67 12.82
CA ILE A 201 54.00 -13.07 13.70
C ILE A 201 52.73 -12.84 12.89
N CYS A 202 51.59 -13.27 13.43
CA CYS A 202 50.30 -13.03 12.79
C CYS A 202 49.61 -11.86 13.46
N ASN A 203 49.02 -10.98 12.66
CA ASN A 203 48.37 -9.76 13.14
C ASN A 203 46.87 -9.92 12.94
N VAL A 204 46.16 -10.09 14.05
CA VAL A 204 44.70 -10.24 14.03
C VAL A 204 44.08 -8.91 14.45
N ASN A 205 43.23 -8.35 13.60
CA ASN A 205 42.57 -7.08 13.86
C ASN A 205 41.07 -7.29 13.86
N HIS A 206 40.41 -6.82 14.91
CA HIS A 206 38.96 -6.86 15.03
C HIS A 206 38.48 -5.43 15.21
N LYS A 207 38.20 -4.76 14.09
CA LYS A 207 37.76 -3.37 14.16
C LYS A 207 36.50 -3.16 15.01
N PRO A 208 35.46 -3.99 14.94
CA PRO A 208 34.30 -3.78 15.82
C PRO A 208 34.64 -3.79 17.30
N SER A 209 35.63 -4.58 17.71
CA SER A 209 36.02 -4.66 19.10
C SER A 209 37.30 -3.90 19.42
N ASN A 210 37.93 -3.27 18.42
CA ASN A 210 39.20 -2.57 18.61
C ASN A 210 40.26 -3.51 19.20
N THR A 211 40.20 -4.79 18.84
CA THR A 211 41.09 -5.80 19.37
C THR A 211 42.23 -6.03 18.37
N LYS A 212 43.42 -5.59 18.72
CA LYS A 212 44.62 -5.78 17.90
C LYS A 212 45.54 -6.73 18.66
N VAL A 213 45.73 -7.93 18.12
CA VAL A 213 46.56 -8.95 18.74
C VAL A 213 47.64 -9.38 17.76
N ASP A 214 48.89 -9.31 18.20
CA ASP A 214 50.05 -9.74 17.40
C ASP A 214 50.67 -10.93 18.11
N LYS A 215 50.30 -12.13 17.68
CA LYS A 215 50.76 -13.36 18.30
C LYS A 215 51.96 -13.90 17.54
N LYS A 216 53.02 -14.24 18.28
CA LYS A 216 54.21 -14.83 17.70
C LYS A 216 54.14 -16.35 17.79
N VAL A 217 54.29 -17.02 16.65
CA VAL A 217 54.24 -18.47 16.59
C VAL A 217 55.65 -19.00 16.44
N GLU A 218 56.05 -19.89 17.35
CA GLU A 218 57.39 -20.45 17.37
C GLU A 218 57.29 -21.92 17.79
N PRO A 219 58.22 -22.76 17.32
CA PRO A 219 58.21 -24.20 17.64
C PRO A 219 58.39 -24.48 19.13
N ASP B 1 5.13 -18.31 -9.87
CA ASP B 1 6.56 -18.09 -10.00
C ASP B 1 7.17 -19.09 -10.99
N ILE B 2 7.90 -18.56 -11.98
CA ILE B 2 8.55 -19.39 -12.98
C ILE B 2 9.82 -19.97 -12.37
N VAL B 3 9.80 -21.26 -12.05
CA VAL B 3 10.93 -21.89 -11.38
C VAL B 3 12.04 -22.12 -12.38
N MET B 4 13.24 -21.64 -12.05
CA MET B 4 14.43 -21.80 -12.88
C MET B 4 15.33 -22.86 -12.27
N THR B 5 15.68 -23.87 -13.05
CA THR B 5 16.50 -24.98 -12.59
C THR B 5 17.72 -25.10 -13.48
N GLN B 6 18.89 -25.23 -12.86
CA GLN B 6 20.16 -25.32 -13.58
C GLN B 6 20.76 -26.71 -13.46
N SER B 7 21.63 -27.03 -14.41
CA SER B 7 22.32 -28.31 -14.43
C SER B 7 23.61 -28.18 -15.23
N PRO B 8 24.73 -28.68 -14.71
CA PRO B 8 24.91 -29.35 -13.41
C PRO B 8 25.02 -28.35 -12.27
N ASP B 9 24.88 -28.80 -11.02
CA ASP B 9 25.05 -27.90 -9.88
C ASP B 9 26.49 -27.40 -9.79
N SER B 10 27.45 -28.28 -10.04
CA SER B 10 28.86 -27.92 -10.05
C SER B 10 29.51 -28.49 -11.30
N LEU B 11 30.46 -27.73 -11.87
CA LEU B 11 31.12 -28.12 -13.10
C LEU B 11 32.61 -27.90 -12.98
N ALA B 12 33.40 -28.87 -13.43
CA ALA B 12 34.85 -28.80 -13.45
C ALA B 12 35.33 -28.90 -14.89
N VAL B 13 35.91 -27.83 -15.41
CA VAL B 13 36.38 -27.77 -16.79
C VAL B 13 37.84 -27.35 -16.76
N SER B 14 38.67 -28.06 -17.52
CA SER B 14 40.09 -27.75 -17.59
C SER B 14 40.31 -26.43 -18.32
N LEU B 15 41.49 -25.85 -18.11
CA LEU B 15 41.82 -24.57 -18.72
C LEU B 15 41.83 -24.69 -20.24
N GLY B 16 41.24 -23.69 -20.90
CA GLY B 16 41.20 -23.64 -22.35
C GLY B 16 40.14 -24.52 -22.98
N GLU B 17 39.32 -25.20 -22.19
CA GLU B 17 38.30 -26.09 -22.70
C GLU B 17 36.93 -25.41 -22.67
N ARG B 18 35.91 -26.14 -23.10
CA ARG B 18 34.56 -25.61 -23.23
C ARG B 18 33.73 -25.97 -22.01
N ALA B 19 33.05 -24.97 -21.45
CA ALA B 19 32.19 -25.14 -20.29
C ALA B 19 30.74 -24.89 -20.71
N THR B 20 29.85 -25.81 -20.37
CA THR B 20 28.45 -25.73 -20.74
C THR B 20 27.58 -25.81 -19.49
N ILE B 21 26.62 -24.89 -19.37
CA ILE B 21 25.70 -24.83 -18.25
C ILE B 21 24.29 -24.73 -18.80
N ASN B 22 23.39 -25.57 -18.28
CA ASN B 22 22.00 -25.60 -18.75
C ASN B 22 21.07 -24.94 -17.74
N CYS B 23 19.96 -24.43 -18.25
CA CYS B 23 18.96 -23.73 -17.45
C CYS B 23 17.58 -24.10 -17.98
N LYS B 24 16.76 -24.73 -17.15
CA LYS B 24 15.45 -25.22 -17.55
C LYS B 24 14.38 -24.32 -16.94
N SER B 25 13.46 -23.85 -17.79
CA SER B 25 12.38 -22.96 -17.37
C SER B 25 11.08 -23.73 -17.25
N SER B 26 10.36 -23.51 -16.14
CA SER B 26 9.08 -24.18 -15.94
C SER B 26 8.05 -23.70 -16.96
N GLN B 27 8.09 -22.42 -17.30
CA GLN B 27 7.13 -21.84 -18.24
C GLN B 27 7.84 -21.14 -19.38
N SER B 28 7.09 -20.41 -20.20
CA SER B 28 7.68 -19.59 -21.24
C SER B 28 8.22 -18.29 -20.63
N VAL B 29 9.32 -17.80 -21.20
CA VAL B 29 9.94 -16.57 -20.72
C VAL B 29 9.80 -15.50 -21.78
N LEU B 30 8.75 -15.60 -22.59
CA LEU B 30 8.45 -14.59 -23.60
C LEU B 30 7.57 -13.50 -23.00
N TYR B 31 7.87 -12.25 -23.33
CA TYR B 31 7.13 -11.11 -22.81
C TYR B 31 6.05 -10.61 -23.78
N SER B 32 6.35 -10.61 -25.07
CA SER B 32 5.36 -10.22 -26.08
C SER B 32 5.71 -10.96 -27.37
N SER B 33 5.17 -10.48 -28.48
CA SER B 33 5.41 -11.08 -29.80
C SER B 33 6.83 -10.81 -30.33
N ASN B 34 7.76 -10.29 -29.52
CA ASN B 34 9.13 -10.07 -30.00
C ASN B 34 9.82 -11.37 -30.36
N ASN B 35 9.33 -12.51 -29.86
CA ASN B 35 9.97 -13.82 -29.97
C ASN B 35 11.34 -13.85 -29.32
N LYS B 36 11.70 -12.83 -28.54
CA LYS B 36 12.95 -12.82 -27.81
C LYS B 36 12.72 -13.31 -26.40
N ASN B 37 13.49 -14.32 -26.00
CA ASN B 37 13.35 -14.89 -24.66
C ASN B 37 13.96 -13.93 -23.64
N TYR B 38 13.15 -13.52 -22.65
CA TYR B 38 13.58 -12.57 -21.64
C TYR B 38 14.32 -13.32 -20.53
N LEU B 39 15.50 -13.81 -20.89
CA LEU B 39 16.34 -14.61 -20.00
C LEU B 39 17.75 -14.06 -20.03
N ALA B 40 18.40 -14.04 -18.87
CA ALA B 40 19.74 -13.48 -18.73
C ALA B 40 20.62 -14.44 -17.94
N TRP B 41 21.93 -14.25 -18.10
CA TRP B 41 22.94 -14.99 -17.36
C TRP B 41 23.76 -14.04 -16.51
N TYR B 42 24.05 -14.44 -15.28
CA TYR B 42 24.83 -13.62 -14.36
C TYR B 42 26.03 -14.42 -13.85
N GLN B 43 27.14 -13.73 -13.65
CA GLN B 43 28.36 -14.32 -13.12
C GLN B 43 28.71 -13.64 -11.80
N GLN B 44 28.93 -14.45 -10.77
CA GLN B 44 29.27 -13.93 -9.44
C GLN B 44 30.55 -14.62 -8.97
N LYS B 45 31.64 -13.86 -8.96
CA LYS B 45 32.90 -14.34 -8.39
C LYS B 45 32.82 -14.27 -6.87
N PRO B 46 33.62 -15.08 -6.17
CA PRO B 46 33.56 -15.06 -4.70
C PRO B 46 33.84 -13.67 -4.15
N GLY B 47 33.01 -13.25 -3.20
CA GLY B 47 33.13 -11.92 -2.63
C GLY B 47 32.75 -10.79 -3.55
N GLN B 48 32.20 -11.07 -4.73
CA GLN B 48 31.86 -10.08 -5.72
C GLN B 48 30.35 -9.98 -5.88
N PRO B 49 29.83 -8.83 -6.26
CA PRO B 49 28.43 -8.73 -6.66
C PRO B 49 28.20 -9.41 -8.00
N PRO B 50 26.95 -9.79 -8.30
CA PRO B 50 26.68 -10.41 -9.60
C PRO B 50 26.98 -9.46 -10.75
N LYS B 51 27.44 -10.03 -11.86
CA LYS B 51 27.74 -9.30 -13.07
C LYS B 51 26.96 -9.91 -14.23
N LEU B 52 26.28 -9.05 -14.99
CA LEU B 52 25.48 -9.52 -16.13
C LEU B 52 26.39 -9.80 -17.32
N LEU B 53 26.32 -11.05 -17.82
CA LEU B 53 27.12 -11.46 -18.98
C LEU B 53 26.29 -11.43 -20.26
N ILE B 54 25.19 -12.18 -20.28
CA ILE B 54 24.38 -12.36 -21.48
C ILE B 54 22.93 -12.06 -21.13
N TYR B 55 22.26 -11.31 -22.01
CA TYR B 55 20.84 -11.02 -21.87
C TYR B 55 20.13 -11.33 -23.19
N TRP B 56 18.83 -11.60 -23.09
CA TRP B 56 18.01 -12.05 -24.23
C TRP B 56 18.52 -13.36 -24.81
N THR B 57 19.31 -14.11 -24.04
CA THR B 57 19.80 -15.45 -24.33
C THR B 57 20.84 -15.49 -25.45
N SER B 58 21.12 -14.33 -26.05
CA SER B 58 22.04 -14.27 -27.18
C SER B 58 22.94 -13.05 -27.19
N THR B 59 22.52 -11.94 -26.58
CA THR B 59 23.29 -10.69 -26.62
C THR B 59 24.12 -10.59 -25.36
N ARG B 60 25.39 -10.24 -25.52
CA ARG B 60 26.32 -10.12 -24.42
C ARG B 60 26.47 -8.67 -23.99
N GLU B 61 26.68 -8.47 -22.69
CA GLU B 61 26.92 -7.14 -22.17
C GLU B 61 28.23 -6.58 -22.72
N SER B 62 28.30 -5.26 -22.85
CA SER B 62 29.50 -4.61 -23.36
C SER B 62 30.69 -4.95 -22.49
N GLY B 63 31.79 -5.36 -23.14
CA GLY B 63 32.99 -5.76 -22.44
C GLY B 63 33.10 -7.24 -22.15
N VAL B 64 32.05 -8.01 -22.36
CA VAL B 64 32.12 -9.46 -22.13
C VAL B 64 32.93 -10.12 -23.24
N PRO B 65 33.93 -10.95 -22.91
CA PRO B 65 34.74 -11.57 -23.97
C PRO B 65 33.92 -12.53 -24.82
N ASP B 66 34.42 -12.74 -26.04
CA ASP B 66 33.70 -13.55 -27.02
C ASP B 66 33.64 -15.02 -26.64
N ARG B 67 34.45 -15.48 -25.68
CA ARG B 67 34.41 -16.89 -25.30
C ARG B 67 33.11 -17.28 -24.61
N PHE B 68 32.33 -16.30 -24.14
CA PHE B 68 31.03 -16.57 -23.55
C PHE B 68 29.96 -16.57 -24.64
N SER B 69 29.16 -17.63 -24.69
CA SER B 69 28.10 -17.76 -25.68
C SER B 69 26.83 -18.24 -25.02
N GLY B 70 25.70 -17.69 -25.45
CA GLY B 70 24.40 -18.07 -24.93
C GLY B 70 23.50 -18.55 -26.05
N SER B 71 22.71 -19.59 -25.76
CA SER B 71 21.82 -20.16 -26.76
C SER B 71 20.62 -20.78 -26.05
N GLY B 72 19.67 -21.24 -26.85
CA GLY B 72 18.48 -21.90 -26.35
C GLY B 72 17.21 -21.19 -26.81
N SER B 73 16.10 -21.90 -26.61
CA SER B 73 14.79 -21.38 -26.96
C SER B 73 13.74 -22.10 -26.12
N GLY B 74 12.57 -21.45 -26.00
CA GLY B 74 11.47 -22.03 -25.25
C GLY B 74 11.74 -22.15 -23.77
N THR B 75 11.90 -23.39 -23.30
CA THR B 75 12.15 -23.66 -21.89
C THR B 75 13.56 -24.17 -21.62
N ASP B 76 14.35 -24.41 -22.65
CA ASP B 76 15.72 -24.90 -22.51
C ASP B 76 16.70 -23.85 -22.98
N PHE B 77 17.67 -23.52 -22.13
CA PHE B 77 18.68 -22.53 -22.43
C PHE B 77 20.04 -23.04 -21.97
N THR B 78 21.10 -22.54 -22.60
CA THR B 78 22.45 -22.99 -22.32
C THR B 78 23.42 -21.84 -22.39
N LEU B 79 24.33 -21.77 -21.42
CA LEU B 79 25.44 -20.84 -21.41
C LEU B 79 26.72 -21.61 -21.71
N THR B 80 27.53 -21.09 -22.63
CA THR B 80 28.73 -21.78 -23.09
C THR B 80 29.93 -20.86 -22.94
N ILE B 81 30.97 -21.35 -22.28
CA ILE B 81 32.27 -20.68 -22.23
C ILE B 81 33.20 -21.48 -23.12
N SER B 82 33.59 -20.89 -24.25
CA SER B 82 34.32 -21.63 -25.27
C SER B 82 35.71 -22.03 -24.79
N SER B 83 36.48 -21.08 -24.26
CA SER B 83 37.83 -21.33 -23.78
C SER B 83 37.92 -20.84 -22.35
N LEU B 84 37.80 -21.77 -21.40
CA LEU B 84 37.84 -21.42 -19.99
C LEU B 84 39.22 -20.90 -19.61
N GLN B 85 39.23 -19.82 -18.82
CA GLN B 85 40.45 -19.22 -18.31
C GLN B 85 40.39 -19.15 -16.80
N ALA B 86 41.52 -18.77 -16.20
CA ALA B 86 41.59 -18.71 -14.74
C ALA B 86 40.63 -17.69 -14.16
N GLU B 87 40.28 -16.67 -14.94
CA GLU B 87 39.40 -15.60 -14.49
C GLU B 87 37.92 -15.93 -14.64
N ASP B 88 37.58 -17.11 -15.17
CA ASP B 88 36.20 -17.52 -15.35
C ASP B 88 35.65 -18.32 -14.17
N VAL B 89 36.45 -18.55 -13.13
CA VAL B 89 35.98 -19.29 -11.97
C VAL B 89 35.02 -18.42 -11.18
N ALA B 90 33.76 -18.83 -11.12
CA ALA B 90 32.72 -18.09 -10.42
C ALA B 90 31.49 -18.99 -10.31
N VAL B 91 30.39 -18.43 -9.82
CA VAL B 91 29.10 -19.10 -9.80
C VAL B 91 28.19 -18.38 -10.79
N TYR B 92 27.53 -19.14 -11.66
CA TYR B 92 26.73 -18.59 -12.74
C TYR B 92 25.25 -18.83 -12.49
N TYR B 93 24.45 -17.79 -12.64
CA TYR B 93 23.01 -17.84 -12.43
C TYR B 93 22.28 -17.46 -13.70
N CYS B 94 21.14 -18.11 -13.94
CA CYS B 94 20.22 -17.70 -14.99
C CYS B 94 18.97 -17.11 -14.36
N GLN B 95 18.54 -15.95 -14.87
CA GLN B 95 17.42 -15.22 -14.31
C GLN B 95 16.49 -14.78 -15.43
N GLN B 96 15.19 -15.00 -15.22
CA GLN B 96 14.18 -14.55 -16.17
C GLN B 96 13.54 -13.26 -15.68
N TYR B 97 13.20 -12.38 -16.60
CA TYR B 97 12.51 -11.13 -16.30
C TYR B 97 11.26 -10.99 -17.15
N SER B 98 10.56 -12.11 -17.35
CA SER B 98 9.30 -12.10 -18.09
C SER B 98 8.15 -11.63 -17.21
N SER B 99 7.93 -12.32 -16.10
CA SER B 99 6.87 -11.98 -15.16
C SER B 99 7.43 -11.18 -14.00
N THR B 100 6.54 -10.49 -13.30
CA THR B 100 6.96 -9.67 -12.17
C THR B 100 7.70 -10.47 -11.10
N PRO B 101 7.29 -11.70 -10.73
CA PRO B 101 8.15 -12.46 -9.82
C PRO B 101 9.42 -12.88 -10.54
N TYR B 102 10.52 -12.18 -10.25
CA TYR B 102 11.80 -12.49 -10.85
C TYR B 102 12.40 -13.70 -10.15
N THR B 103 12.86 -14.67 -10.93
CA THR B 103 13.36 -15.91 -10.37
C THR B 103 14.77 -16.16 -10.90
N PHE B 104 15.69 -16.44 -9.99
CA PHE B 104 17.06 -16.81 -10.32
C PHE B 104 17.20 -18.33 -10.29
N GLY B 105 18.25 -18.80 -10.95
CA GLY B 105 18.56 -20.21 -10.89
C GLY B 105 19.19 -20.60 -9.57
N GLN B 106 19.32 -21.91 -9.37
CA GLN B 106 19.96 -22.42 -8.16
C GLN B 106 21.42 -22.05 -8.08
N GLY B 107 22.07 -21.76 -9.21
CA GLY B 107 23.48 -21.44 -9.24
C GLY B 107 24.34 -22.62 -9.62
N THR B 108 25.27 -22.41 -10.53
CA THR B 108 26.21 -23.44 -10.96
C THR B 108 27.62 -23.00 -10.58
N LYS B 109 28.32 -23.85 -9.83
CA LYS B 109 29.69 -23.58 -9.44
C LYS B 109 30.64 -24.11 -10.52
N LEU B 110 31.50 -23.23 -11.02
CA LEU B 110 32.47 -23.59 -12.05
C LEU B 110 33.86 -23.53 -11.47
N GLU B 111 34.60 -24.63 -11.58
CA GLU B 111 35.96 -24.71 -11.10
C GLU B 111 36.86 -25.22 -12.22
N ILE B 112 38.15 -24.90 -12.11
CA ILE B 112 39.13 -25.36 -13.08
C ILE B 112 39.52 -26.79 -12.77
N LYS B 113 39.41 -27.67 -13.76
CA LYS B 113 39.82 -29.07 -13.61
C LYS B 113 41.33 -29.15 -13.77
N ARG B 114 42.05 -29.21 -12.67
CA ARG B 114 43.48 -29.44 -12.66
C ARG B 114 43.74 -30.92 -12.44
N THR B 115 45.03 -31.27 -12.37
CA THR B 115 45.40 -32.65 -12.09
C THR B 115 45.15 -32.99 -10.63
N VAL B 116 44.96 -34.28 -10.37
CA VAL B 116 44.80 -34.75 -9.00
C VAL B 116 46.06 -34.47 -8.21
N ALA B 117 45.91 -33.79 -7.08
CA ALA B 117 47.03 -33.47 -6.20
C ALA B 117 46.71 -33.96 -4.79
N ALA B 118 47.60 -34.78 -4.23
CA ALA B 118 47.39 -35.28 -2.89
C ALA B 118 47.53 -34.14 -1.88
N PRO B 119 46.72 -34.14 -0.82
CA PRO B 119 46.84 -33.09 0.19
C PRO B 119 48.08 -33.26 1.04
N SER B 120 48.62 -32.14 1.50
CA SER B 120 49.65 -32.12 2.53
C SER B 120 48.96 -31.99 3.88
N VAL B 121 49.13 -32.99 4.74
CA VAL B 121 48.38 -33.09 5.99
C VAL B 121 49.30 -32.76 7.16
N PHE B 122 48.86 -31.81 7.98
CA PHE B 122 49.57 -31.41 9.18
C PHE B 122 48.60 -31.36 10.36
N ILE B 123 49.12 -31.61 11.56
CA ILE B 123 48.32 -31.57 12.77
C ILE B 123 49.00 -30.66 13.79
N PHE B 124 48.20 -29.98 14.60
CA PHE B 124 48.70 -29.01 15.55
C PHE B 124 48.09 -29.29 16.93
N PRO B 125 48.90 -29.57 17.94
CA PRO B 125 48.38 -29.69 19.31
C PRO B 125 47.93 -28.34 19.83
N PRO B 126 47.02 -28.30 20.80
CA PRO B 126 46.59 -27.02 21.36
C PRO B 126 47.73 -26.33 22.08
N SER B 127 47.72 -25.00 22.03
CA SER B 127 48.76 -24.21 22.66
C SER B 127 48.62 -24.22 24.17
N ASP B 128 49.74 -24.00 24.86
CA ASP B 128 49.70 -23.87 26.32
C ASP B 128 48.92 -22.63 26.74
N GLU B 129 48.97 -21.57 25.92
CA GLU B 129 48.20 -20.36 26.23
C GLU B 129 46.70 -20.65 26.21
N GLN B 130 46.23 -21.39 25.19
CA GLN B 130 44.83 -21.76 25.15
C GLN B 130 44.47 -22.75 26.24
N LEU B 131 45.42 -23.63 26.61
CA LEU B 131 45.14 -24.62 27.64
C LEU B 131 44.80 -23.98 28.97
N LYS B 132 45.35 -22.79 29.25
CA LYS B 132 45.01 -22.09 30.48
C LYS B 132 43.54 -21.70 30.52
N SER B 133 42.92 -21.47 29.35
CA SER B 133 41.53 -21.05 29.29
C SER B 133 40.55 -22.17 29.60
N GLY B 134 41.00 -23.43 29.61
CA GLY B 134 40.14 -24.55 29.91
C GLY B 134 39.59 -25.30 28.72
N THR B 135 39.92 -24.87 27.50
CA THR B 135 39.49 -25.57 26.29
C THR B 135 40.70 -25.82 25.41
N ALA B 136 40.74 -27.01 24.80
CA ALA B 136 41.85 -27.42 23.95
C ALA B 136 41.33 -27.65 22.54
N SER B 137 41.99 -27.03 21.56
CA SER B 137 41.63 -27.16 20.16
C SER B 137 42.75 -27.85 19.40
N VAL B 138 42.40 -28.92 18.67
CA VAL B 138 43.34 -29.64 17.81
C VAL B 138 42.93 -29.37 16.37
N VAL B 139 43.88 -28.88 15.57
CA VAL B 139 43.62 -28.46 14.21
C VAL B 139 44.37 -29.37 13.26
N CYS B 140 43.65 -29.91 12.27
CA CYS B 140 44.25 -30.73 11.21
C CYS B 140 44.12 -29.98 9.89
N LEU B 141 45.24 -29.84 9.18
CA LEU B 141 45.32 -29.02 7.98
C LEU B 141 45.52 -29.90 6.76
N LEU B 142 44.68 -29.70 5.74
CA LEU B 142 44.82 -30.34 4.44
C LEU B 142 45.16 -29.24 3.45
N ASN B 143 46.38 -29.29 2.89
CA ASN B 143 46.93 -28.18 2.14
C ASN B 143 47.14 -28.56 0.69
N ASN B 144 46.60 -27.72 -0.21
CA ASN B 144 46.92 -27.76 -1.65
C ASN B 144 46.57 -29.13 -2.26
N PHE B 145 45.28 -29.42 -2.27
CA PHE B 145 44.77 -30.66 -2.85
C PHE B 145 43.68 -30.35 -3.87
N TYR B 146 43.46 -31.31 -4.76
CA TYR B 146 42.38 -31.28 -5.74
C TYR B 146 42.06 -32.72 -6.11
N PRO B 147 40.78 -33.08 -6.24
CA PRO B 147 39.57 -32.25 -6.11
C PRO B 147 39.21 -31.90 -4.66
N ARG B 148 38.16 -31.10 -4.48
CA ARG B 148 37.78 -30.62 -3.16
C ARG B 148 37.32 -31.76 -2.25
N GLU B 149 36.75 -32.82 -2.82
CA GLU B 149 36.20 -33.90 -2.01
C GLU B 149 37.29 -34.57 -1.18
N ALA B 150 37.17 -34.47 0.14
CA ALA B 150 38.10 -35.10 1.06
C ALA B 150 37.37 -35.41 2.36
N LYS B 151 37.69 -36.56 2.95
CA LYS B 151 37.09 -37.01 4.19
C LYS B 151 38.09 -36.85 5.33
N VAL B 152 37.68 -36.19 6.40
CA VAL B 152 38.50 -36.00 7.59
C VAL B 152 37.76 -36.61 8.78
N GLN B 153 38.43 -37.51 9.49
CA GLN B 153 37.87 -38.18 10.66
C GLN B 153 38.85 -38.06 11.82
N TRP B 154 38.33 -37.69 12.98
CA TRP B 154 39.13 -37.56 14.19
C TRP B 154 39.00 -38.84 15.02
N LYS B 155 40.15 -39.39 15.42
CA LYS B 155 40.18 -40.54 16.32
C LYS B 155 41.05 -40.20 17.51
N VAL B 156 40.49 -40.38 18.71
CA VAL B 156 41.20 -40.13 19.96
C VAL B 156 41.33 -41.47 20.67
N ASP B 157 42.57 -41.96 20.82
CA ASP B 157 42.83 -43.30 21.34
C ASP B 157 42.06 -44.35 20.55
N ASN B 158 42.08 -44.20 19.22
CA ASN B 158 41.37 -45.10 18.29
C ASN B 158 39.88 -45.14 18.60
N ALA B 159 39.31 -44.00 18.98
CA ALA B 159 37.88 -43.86 19.20
C ALA B 159 37.39 -42.70 18.35
N LEU B 160 36.39 -42.97 17.51
CA LEU B 160 35.90 -41.95 16.58
C LEU B 160 35.23 -40.81 17.34
N GLN B 161 35.40 -39.60 16.81
CA GLN B 161 34.90 -38.39 17.44
C GLN B 161 33.74 -37.82 16.64
N SER B 162 32.67 -37.43 17.34
CA SER B 162 31.48 -36.91 16.70
C SER B 162 30.96 -35.69 17.46
N GLY B 163 30.52 -34.68 16.71
CA GLY B 163 29.88 -33.52 17.28
C GLY B 163 30.78 -32.45 17.83
N ASN B 164 32.11 -32.63 17.73
CA ASN B 164 33.04 -31.64 18.25
C ASN B 164 34.07 -31.25 17.19
N SER B 165 33.71 -31.33 15.92
CA SER B 165 34.60 -31.01 14.83
C SER B 165 33.88 -30.11 13.83
N GLN B 166 34.59 -29.08 13.37
CA GLN B 166 34.09 -28.17 12.34
C GLN B 166 35.13 -28.01 11.25
N GLU B 167 34.70 -28.07 10.00
CA GLU B 167 35.58 -27.96 8.85
C GLU B 167 35.38 -26.62 8.16
N SER B 168 36.42 -26.17 7.47
CA SER B 168 36.36 -24.95 6.68
C SER B 168 37.27 -25.13 5.47
N VAL B 169 36.79 -24.68 4.32
CA VAL B 169 37.47 -24.90 3.04
C VAL B 169 37.72 -23.55 2.38
N THR B 170 38.93 -23.36 1.86
CA THR B 170 39.24 -22.18 1.09
C THR B 170 38.68 -22.30 -0.33
N GLU B 171 38.65 -21.19 -1.05
CA GLU B 171 38.28 -21.19 -2.45
C GLU B 171 39.43 -21.69 -3.29
N GLN B 172 39.15 -21.96 -4.57
CA GLN B 172 40.17 -22.45 -5.48
C GLN B 172 41.24 -21.38 -5.67
N ASP B 173 42.51 -21.79 -5.57
CA ASP B 173 43.61 -20.85 -5.64
C ASP B 173 43.78 -20.32 -7.06
N SER B 174 44.27 -19.09 -7.16
CA SER B 174 44.46 -18.47 -8.47
C SER B 174 45.59 -19.14 -9.24
N LYS B 175 46.69 -19.48 -8.56
CA LYS B 175 47.86 -20.01 -9.25
C LYS B 175 47.73 -21.51 -9.50
N ASP B 176 47.65 -22.31 -8.45
CA ASP B 176 47.66 -23.76 -8.57
C ASP B 176 46.27 -24.37 -8.68
N SER B 177 45.21 -23.59 -8.47
CA SER B 177 43.82 -24.05 -8.56
C SER B 177 43.57 -25.25 -7.63
N THR B 178 44.21 -25.24 -6.47
CA THR B 178 44.03 -26.28 -5.47
C THR B 178 43.10 -25.80 -4.37
N TYR B 179 42.91 -26.65 -3.37
CA TYR B 179 42.04 -26.35 -2.23
C TYR B 179 42.79 -26.61 -0.93
N SER B 180 42.38 -25.90 0.13
CA SER B 180 42.93 -26.09 1.46
C SER B 180 41.78 -26.26 2.44
N LEU B 181 41.89 -27.25 3.32
CA LEU B 181 40.86 -27.57 4.29
C LEU B 181 41.47 -27.63 5.68
N SER B 182 40.73 -27.11 6.66
CA SER B 182 41.16 -27.14 8.06
C SER B 182 40.04 -27.67 8.92
N SER B 183 40.28 -28.79 9.59
CA SER B 183 39.31 -29.38 10.51
C SER B 183 39.78 -29.11 11.93
N THR B 184 38.89 -28.53 12.73
CA THR B 184 39.20 -28.14 14.10
C THR B 184 38.44 -29.04 15.06
N LEU B 185 39.17 -29.68 15.97
CA LEU B 185 38.59 -30.53 17.01
C LEU B 185 38.66 -29.78 18.33
N THR B 186 37.52 -29.32 18.82
CA THR B 186 37.45 -28.54 20.05
C THR B 186 36.99 -29.42 21.21
N LEU B 187 37.66 -29.25 22.35
CA LEU B 187 37.38 -30.05 23.54
C LEU B 187 37.67 -29.21 24.78
N SER B 188 37.06 -29.61 25.89
CA SER B 188 37.40 -29.05 27.18
C SER B 188 38.74 -29.60 27.65
N LYS B 189 39.45 -28.80 28.46
CA LYS B 189 40.76 -29.24 28.94
C LYS B 189 40.65 -30.48 29.81
N ALA B 190 39.55 -30.63 30.54
CA ALA B 190 39.36 -31.82 31.35
C ALA B 190 39.34 -33.08 30.49
N ASP B 191 38.59 -33.05 29.39
CA ASP B 191 38.53 -34.21 28.51
C ASP B 191 39.80 -34.35 27.69
N TYR B 192 40.48 -33.24 27.39
CA TYR B 192 41.71 -33.32 26.60
C TYR B 192 42.80 -34.08 27.33
N GLU B 193 42.94 -33.88 28.64
CA GLU B 193 43.98 -34.51 29.42
C GLU B 193 43.56 -35.87 29.97
N LYS B 194 42.46 -36.42 29.49
CA LYS B 194 42.05 -37.78 29.82
C LYS B 194 42.49 -38.80 28.79
N HIS B 195 43.14 -38.37 27.71
CA HIS B 195 43.56 -39.25 26.64
C HIS B 195 44.97 -38.89 26.21
N LYS B 196 45.56 -39.73 25.36
CA LYS B 196 46.94 -39.56 24.93
C LYS B 196 47.08 -39.28 23.44
N VAL B 197 46.50 -40.11 22.59
CA VAL B 197 46.74 -40.05 21.15
C VAL B 197 45.59 -39.31 20.49
N TYR B 198 45.92 -38.29 19.69
CA TYR B 198 44.96 -37.52 18.91
C TYR B 198 45.35 -37.65 17.45
N ALA B 199 44.60 -38.45 16.70
CA ALA B 199 44.92 -38.77 15.32
C ALA B 199 43.93 -38.10 14.38
N CYS B 200 44.43 -37.66 13.23
CA CYS B 200 43.63 -37.09 12.16
C CYS B 200 43.76 -37.97 10.93
N GLU B 201 42.64 -38.56 10.50
CA GLU B 201 42.64 -39.47 9.36
C GLU B 201 42.04 -38.76 8.15
N VAL B 202 42.72 -38.87 7.01
CA VAL B 202 42.37 -38.14 5.79
C VAL B 202 42.23 -39.15 4.65
N THR B 203 41.11 -39.06 3.93
CA THR B 203 40.88 -39.84 2.72
C THR B 203 40.73 -38.88 1.54
N HIS B 204 41.41 -39.18 0.45
CA HIS B 204 41.36 -38.33 -0.73
C HIS B 204 41.63 -39.19 -1.97
N GLN B 205 41.27 -38.64 -3.13
CA GLN B 205 41.49 -39.36 -4.39
C GLN B 205 42.98 -39.53 -4.66
N GLY B 206 43.80 -38.54 -4.30
CA GLY B 206 45.23 -38.58 -4.51
C GLY B 206 46.02 -39.43 -3.55
N LEU B 207 45.35 -40.16 -2.67
CA LEU B 207 46.00 -41.03 -1.69
C LEU B 207 45.68 -42.48 -2.02
N SER B 208 46.72 -43.31 -2.15
CA SER B 208 46.51 -44.73 -2.34
C SER B 208 45.84 -45.34 -1.12
N SER B 209 46.27 -44.95 0.08
CA SER B 209 45.68 -45.36 1.34
C SER B 209 45.55 -44.14 2.25
N PRO B 210 44.59 -44.15 3.16
CA PRO B 210 44.41 -42.99 4.06
C PRO B 210 45.65 -42.75 4.90
N VAL B 211 45.99 -41.47 5.08
CA VAL B 211 47.09 -41.06 5.93
C VAL B 211 46.54 -40.68 7.30
N THR B 212 47.37 -40.81 8.32
CA THR B 212 46.98 -40.48 9.69
C THR B 212 48.08 -39.68 10.35
N LYS B 213 47.77 -38.46 10.75
CA LYS B 213 48.68 -37.62 11.51
C LYS B 213 48.23 -37.60 12.96
N SER B 214 49.14 -37.96 13.87
CA SER B 214 48.80 -38.08 15.27
C SER B 214 49.92 -37.51 16.12
N PHE B 215 49.59 -37.23 17.39
CA PHE B 215 50.58 -36.77 18.36
C PHE B 215 50.16 -37.26 19.73
N ASN B 216 51.12 -37.32 20.64
CA ASN B 216 50.89 -37.75 22.02
C ASN B 216 51.00 -36.55 22.95
N ARG B 217 50.02 -36.39 23.82
CA ARG B 217 49.98 -35.27 24.76
C ARG B 217 51.12 -35.32 25.77
N GLN C 1 -37.95 12.71 -15.96
CA GLN C 1 -37.93 12.36 -14.54
C GLN C 1 -36.90 11.26 -14.26
N VAL C 2 -36.23 11.37 -13.13
CA VAL C 2 -35.22 10.41 -12.71
C VAL C 2 -35.61 9.89 -11.33
N GLN C 3 -35.60 8.56 -11.17
CA GLN C 3 -35.90 7.92 -9.90
C GLN C 3 -34.73 7.04 -9.49
N LEU C 4 -34.35 7.14 -8.22
CA LEU C 4 -33.32 6.29 -7.62
C LEU C 4 -33.87 5.76 -6.31
N VAL C 5 -34.23 4.48 -6.28
CA VAL C 5 -34.81 3.84 -5.11
C VAL C 5 -33.85 2.78 -4.60
N GLU C 6 -33.58 2.80 -3.30
CA GLU C 6 -32.61 1.92 -2.68
C GLU C 6 -33.30 0.95 -1.74
N SER C 7 -32.61 -0.16 -1.46
CA SER C 7 -33.10 -1.19 -0.56
C SER C 7 -31.94 -2.05 -0.11
N GLY C 8 -32.19 -2.89 0.88
CA GLY C 8 -31.22 -3.85 1.36
C GLY C 8 -30.54 -3.50 2.66
N GLY C 9 -30.69 -2.27 3.15
CA GLY C 9 -30.09 -1.90 4.41
C GLY C 9 -30.80 -2.51 5.60
N GLY C 10 -30.06 -2.65 6.70
CA GLY C 10 -30.63 -3.19 7.91
C GLY C 10 -29.54 -3.55 8.91
N LEU C 11 -29.93 -4.35 9.90
CA LEU C 11 -29.01 -4.79 10.94
C LEU C 11 -28.18 -5.96 10.43
N ILE C 12 -26.87 -5.89 10.66
CA ILE C 12 -25.97 -6.98 10.31
C ILE C 12 -24.86 -7.00 11.34
N GLN C 13 -24.50 -8.20 11.81
CA GLN C 13 -23.45 -8.33 12.80
C GLN C 13 -22.09 -7.97 12.18
N PRO C 14 -21.15 -7.50 12.99
CA PRO C 14 -19.82 -7.19 12.45
C PRO C 14 -19.18 -8.42 11.82
N GLY C 15 -18.47 -8.20 10.72
CA GLY C 15 -17.89 -9.29 9.95
C GLY C 15 -18.83 -9.95 8.97
N GLY C 16 -20.08 -9.53 8.90
CA GLY C 16 -21.05 -10.14 8.02
C GLY C 16 -21.00 -9.57 6.61
N SER C 17 -22.02 -9.92 5.83
CA SER C 17 -22.12 -9.50 4.44
C SER C 17 -23.48 -8.84 4.21
N LEU C 18 -23.48 -7.76 3.44
CA LEU C 18 -24.70 -7.05 3.10
C LEU C 18 -24.60 -6.52 1.68
N ARG C 19 -25.71 -6.56 0.96
CA ARG C 19 -25.79 -6.09 -0.42
C ARG C 19 -27.01 -5.19 -0.58
N LEU C 20 -26.80 -4.02 -1.16
CA LEU C 20 -27.87 -3.06 -1.36
C LEU C 20 -28.13 -2.89 -2.85
N SER C 21 -29.41 -2.74 -3.21
CA SER C 21 -29.82 -2.52 -4.59
C SER C 21 -30.21 -1.06 -4.78
N CYS C 22 -30.04 -0.57 -6.01
CA CYS C 22 -30.43 0.80 -6.36
C CYS C 22 -31.10 0.75 -7.73
N ALA C 23 -32.42 0.64 -7.74
CA ALA C 23 -33.17 0.71 -8.99
C ALA C 23 -33.09 2.11 -9.57
N ALA C 24 -32.85 2.18 -10.88
CA ALA C 24 -32.66 3.44 -11.57
C ALA C 24 -33.67 3.58 -12.70
N SER C 25 -34.21 4.79 -12.86
CA SER C 25 -35.14 5.10 -13.93
C SER C 25 -34.81 6.48 -14.47
N GLY C 26 -35.16 6.72 -15.74
CA GLY C 26 -34.90 7.98 -16.39
C GLY C 26 -33.58 8.06 -17.12
N PHE C 27 -32.72 7.05 -16.99
CA PHE C 27 -31.45 7.00 -17.73
C PHE C 27 -31.01 5.56 -17.78
N THR C 28 -30.05 5.28 -18.67
CA THR C 28 -29.48 3.94 -18.80
C THR C 28 -28.30 3.81 -17.83
N VAL C 29 -28.34 2.77 -17.00
CA VAL C 29 -27.32 2.60 -15.97
C VAL C 29 -25.98 2.24 -16.60
N SER C 30 -25.99 1.39 -17.64
CA SER C 30 -24.74 0.92 -18.24
C SER C 30 -23.95 2.03 -18.90
N SER C 31 -24.58 3.17 -19.20
CA SER C 31 -23.94 4.25 -19.93
C SER C 31 -23.58 5.44 -19.04
N ASN C 32 -23.71 5.31 -17.73
CA ASN C 32 -23.49 6.43 -16.82
C ASN C 32 -22.53 6.03 -15.70
N TYR C 33 -21.87 7.04 -15.14
CA TYR C 33 -21.11 6.86 -13.91
C TYR C 33 -22.07 6.76 -12.74
N MET C 34 -21.83 5.78 -11.86
CA MET C 34 -22.64 5.57 -10.68
C MET C 34 -21.75 5.48 -9.46
N SER C 35 -22.19 6.06 -8.35
CA SER C 35 -21.38 6.09 -7.13
C SER C 35 -22.26 5.80 -5.92
N TRP C 36 -21.62 5.29 -4.87
CA TRP C 36 -22.25 5.11 -3.57
C TRP C 36 -21.60 6.09 -2.59
N VAL C 37 -22.45 6.87 -1.90
CA VAL C 37 -21.99 7.83 -0.91
C VAL C 37 -22.67 7.51 0.41
N ARG C 38 -21.87 7.37 1.47
CA ARG C 38 -22.40 7.07 2.79
C ARG C 38 -22.25 8.27 3.72
N GLN C 39 -23.16 8.37 4.68
CA GLN C 39 -23.17 9.47 5.64
C GLN C 39 -23.33 8.87 7.03
N ALA C 40 -22.27 8.96 7.84
CA ALA C 40 -22.34 8.46 9.20
C ALA C 40 -23.34 9.31 10.00
N PRO C 41 -24.02 8.71 10.99
CA PRO C 41 -25.03 9.46 11.75
C PRO C 41 -24.39 10.64 12.48
N GLY C 42 -24.82 11.85 12.10
CA GLY C 42 -24.28 13.06 12.66
C GLY C 42 -22.96 13.51 12.09
N LYS C 43 -22.47 12.87 11.03
CA LYS C 43 -21.21 13.20 10.40
C LYS C 43 -21.45 13.66 8.96
N GLY C 44 -20.37 13.89 8.23
CA GLY C 44 -20.44 14.37 6.87
C GLY C 44 -20.63 13.25 5.86
N LEU C 45 -20.47 13.62 4.59
CA LEU C 45 -20.62 12.70 3.48
C LEU C 45 -19.26 12.17 3.06
N GLU C 46 -19.20 10.86 2.79
CA GLU C 46 -17.96 10.21 2.39
C GLU C 46 -18.21 9.43 1.10
N TRP C 47 -17.30 9.60 0.13
CA TRP C 47 -17.37 8.83 -1.11
C TRP C 47 -16.86 7.42 -0.86
N VAL C 48 -17.61 6.42 -1.34
CA VAL C 48 -17.31 5.02 -1.10
C VAL C 48 -16.75 4.35 -2.35
N SER C 49 -17.50 4.39 -3.45
CA SER C 49 -17.10 3.68 -4.65
C SER C 49 -17.72 4.35 -5.87
N VAL C 50 -17.17 4.01 -7.04
CA VAL C 50 -17.69 4.50 -8.31
C VAL C 50 -17.48 3.42 -9.36
N ILE C 51 -18.45 3.30 -10.27
CA ILE C 51 -18.34 2.42 -11.42
C ILE C 51 -18.45 3.28 -12.68
N TYR C 52 -17.46 3.19 -13.56
CA TYR C 52 -17.44 4.01 -14.75
C TYR C 52 -18.41 3.46 -15.81
N SER C 53 -18.70 4.30 -16.80
CA SER C 53 -19.54 3.86 -17.90
C SER C 53 -18.91 2.69 -18.65
N GLY C 54 -17.58 2.63 -18.69
CA GLY C 54 -16.87 1.54 -19.30
C GLY C 54 -16.68 0.32 -18.43
N GLY C 55 -17.22 0.34 -17.22
CA GLY C 55 -17.13 -0.79 -16.30
C GLY C 55 -16.01 -0.70 -15.29
N SER C 56 -15.15 0.30 -15.37
CA SER C 56 -14.08 0.46 -14.40
C SER C 56 -14.65 0.78 -13.02
N THR C 57 -14.07 0.16 -12.00
CA THR C 57 -14.52 0.33 -10.62
C THR C 57 -13.37 0.87 -9.77
N PHE C 58 -13.69 1.84 -8.92
CA PHE C 58 -12.71 2.43 -8.02
C PHE C 58 -13.32 2.59 -6.63
N TYR C 59 -12.52 2.28 -5.61
CA TYR C 59 -13.01 2.24 -4.24
C TYR C 59 -12.15 3.12 -3.36
N ALA C 60 -12.74 3.56 -2.25
CA ALA C 60 -12.03 4.31 -1.23
C ALA C 60 -11.16 3.36 -0.39
N ASP C 61 -10.12 3.94 0.22
CA ASP C 61 -9.17 3.13 0.99
C ASP C 61 -9.85 2.46 2.18
N SER C 62 -10.76 3.18 2.85
CA SER C 62 -11.40 2.64 4.04
C SER C 62 -12.29 1.43 3.72
N VAL C 63 -12.70 1.26 2.46
CA VAL C 63 -13.54 0.14 2.06
C VAL C 63 -12.89 -0.72 0.98
N LYS C 64 -11.67 -0.40 0.56
CA LYS C 64 -11.02 -1.17 -0.49
C LYS C 64 -10.73 -2.59 0.00
N GLY C 65 -10.98 -3.56 -0.86
CA GLY C 65 -10.81 -4.96 -0.52
C GLY C 65 -11.95 -5.56 0.25
N ARG C 66 -12.96 -4.77 0.63
CA ARG C 66 -14.13 -5.25 1.34
C ARG C 66 -15.44 -4.95 0.63
N PHE C 67 -15.53 -3.83 -0.08
CA PHE C 67 -16.74 -3.46 -0.79
C PHE C 67 -16.56 -3.70 -2.29
N THR C 68 -17.63 -4.19 -2.92
CA THR C 68 -17.63 -4.43 -4.37
C THR C 68 -18.85 -3.76 -4.98
N ILE C 69 -18.63 -2.96 -6.02
CA ILE C 69 -19.70 -2.26 -6.72
C ILE C 69 -19.96 -2.95 -8.05
N SER C 70 -21.23 -3.06 -8.42
CA SER C 70 -21.61 -3.75 -9.64
C SER C 70 -22.97 -3.26 -10.10
N ARG C 71 -23.27 -3.54 -11.37
CA ARG C 71 -24.53 -3.13 -11.97
C ARG C 71 -25.14 -4.31 -12.72
N ASP C 72 -26.46 -4.27 -12.88
CA ASP C 72 -27.18 -5.27 -13.68
C ASP C 72 -28.03 -4.50 -14.69
N ASN C 73 -27.58 -4.48 -15.94
CA ASN C 73 -28.30 -3.74 -16.99
C ASN C 73 -29.68 -4.33 -17.22
N SER C 74 -29.79 -5.66 -17.22
CA SER C 74 -31.07 -6.30 -17.46
C SER C 74 -32.12 -5.95 -16.42
N LYS C 75 -31.69 -5.55 -15.21
CA LYS C 75 -32.60 -5.13 -14.17
C LYS C 75 -32.47 -3.65 -13.84
N SER C 76 -31.56 -2.94 -14.49
CA SER C 76 -31.37 -1.49 -14.30
C SER C 76 -31.15 -1.16 -12.83
N THR C 77 -30.25 -1.91 -12.20
CA THR C 77 -30.01 -1.79 -10.77
C THR C 77 -28.51 -1.72 -10.50
N LEU C 78 -28.14 -0.89 -9.52
CA LEU C 78 -26.77 -0.75 -9.07
C LEU C 78 -26.63 -1.42 -7.71
N TYR C 79 -25.61 -2.26 -7.56
CA TYR C 79 -25.43 -3.06 -6.36
C TYR C 79 -24.16 -2.64 -5.63
N LEU C 80 -24.16 -2.83 -4.30
CA LEU C 80 -23.00 -2.59 -3.46
C LEU C 80 -22.89 -3.73 -2.47
N GLN C 81 -21.92 -4.61 -2.67
CA GLN C 81 -21.69 -5.75 -1.80
C GLN C 81 -20.74 -5.35 -0.68
N MET C 82 -21.18 -5.46 0.57
CA MET C 82 -20.39 -5.05 1.73
C MET C 82 -20.01 -6.31 2.51
N ASN C 83 -18.77 -6.75 2.33
CA ASN C 83 -18.23 -7.88 3.06
C ASN C 83 -17.22 -7.41 4.11
N SER C 84 -16.94 -8.29 5.07
CA SER C 84 -16.06 -7.98 6.19
C SER C 84 -16.51 -6.70 6.89
N LEU C 85 -17.80 -6.65 7.22
CA LEU C 85 -18.39 -5.45 7.78
C LEU C 85 -17.82 -5.13 9.15
N ARG C 86 -17.76 -3.84 9.45
CA ARG C 86 -17.24 -3.33 10.71
C ARG C 86 -18.26 -2.37 11.33
N VAL C 87 -18.14 -2.18 12.64
CA VAL C 87 -19.06 -1.28 13.34
C VAL C 87 -18.90 0.14 12.82
N GLU C 88 -17.68 0.53 12.47
CA GLU C 88 -17.42 1.86 11.92
C GLU C 88 -18.14 2.10 10.60
N ASP C 89 -18.47 1.03 9.86
CA ASP C 89 -19.15 1.18 8.58
C ASP C 89 -20.61 1.61 8.74
N THR C 90 -21.15 1.61 9.96
CA THR C 90 -22.54 1.97 10.19
C THR C 90 -22.81 3.39 9.70
N ALA C 91 -23.63 3.52 8.66
CA ALA C 91 -23.93 4.81 8.06
C ALA C 91 -25.13 4.65 7.15
N VAL C 92 -25.66 5.78 6.69
CA VAL C 92 -26.72 5.80 5.69
C VAL C 92 -26.05 5.90 4.32
N TYR C 93 -26.27 4.89 3.48
CA TYR C 93 -25.63 4.79 2.18
C TYR C 93 -26.56 5.34 1.11
N TYR C 94 -26.09 6.34 0.37
CA TYR C 94 -26.87 6.96 -0.69
C TYR C 94 -26.42 6.45 -2.05
N CYS C 95 -27.38 6.31 -2.96
CA CYS C 95 -27.11 5.94 -4.34
C CYS C 95 -27.19 7.20 -5.19
N ALA C 96 -26.07 7.57 -5.81
CA ALA C 96 -25.98 8.83 -6.53
C ALA C 96 -25.55 8.58 -7.97
N ARG C 97 -26.14 9.35 -8.90
CA ARG C 97 -25.77 9.31 -10.30
C ARG C 97 -24.60 10.26 -10.52
N ASP C 98 -23.43 9.71 -10.83
CA ASP C 98 -22.22 10.49 -10.98
C ASP C 98 -22.13 11.03 -12.40
N PHE C 99 -21.73 12.30 -12.52
CA PHE C 99 -21.52 12.95 -13.82
C PHE C 99 -20.02 12.97 -14.09
N GLY C 100 -19.55 11.96 -14.82
CA GLY C 100 -18.15 11.92 -15.22
C GLY C 100 -17.15 11.90 -14.08
N ASP C 101 -17.48 11.19 -13.00
CA ASP C 101 -16.59 11.05 -11.85
C ASP C 101 -16.28 12.40 -11.20
N PHE C 102 -17.19 13.37 -11.35
CA PHE C 102 -16.98 14.71 -10.85
C PHE C 102 -17.97 15.09 -9.75
N TYR C 103 -19.28 15.03 -10.02
CA TYR C 103 -20.27 15.43 -9.04
C TYR C 103 -21.54 14.61 -9.25
N PHE C 104 -22.40 14.65 -8.24
CA PHE C 104 -23.60 13.81 -8.18
C PHE C 104 -24.82 14.69 -8.41
N ASP C 105 -25.43 14.55 -9.59
CA ASP C 105 -26.57 15.38 -9.96
C ASP C 105 -27.90 14.80 -9.52
N TYR C 106 -27.96 13.50 -9.19
CA TYR C 106 -29.17 12.87 -8.71
C TYR C 106 -28.82 11.86 -7.63
N TRP C 107 -29.62 11.84 -6.57
CA TRP C 107 -29.36 11.02 -5.39
C TRP C 107 -30.55 10.12 -5.09
N GLY C 108 -30.27 8.94 -4.53
CA GLY C 108 -31.33 8.07 -4.05
C GLY C 108 -31.87 8.51 -2.71
N GLN C 109 -32.97 7.86 -2.30
CA GLN C 109 -33.61 8.24 -1.05
C GLN C 109 -32.75 7.91 0.16
N GLY C 110 -31.89 6.90 0.04
CA GLY C 110 -31.00 6.53 1.14
C GLY C 110 -31.54 5.43 2.03
N THR C 111 -30.70 4.46 2.36
CA THR C 111 -31.06 3.36 3.23
C THR C 111 -30.00 3.19 4.30
N LEU C 112 -30.43 2.94 5.52
CA LEU C 112 -29.54 2.88 6.68
C LEU C 112 -28.96 1.48 6.84
N VAL C 113 -27.65 1.41 7.05
CA VAL C 113 -26.95 0.17 7.36
C VAL C 113 -26.43 0.27 8.78
N THR C 114 -26.93 -0.61 9.66
CA THR C 114 -26.52 -0.65 11.06
C THR C 114 -25.71 -1.91 11.28
N VAL C 115 -24.48 -1.76 11.76
CA VAL C 115 -23.57 -2.87 12.00
C VAL C 115 -23.31 -2.92 13.49
N SER C 116 -23.96 -3.84 14.19
CA SER C 116 -23.78 -4.01 15.62
C SER C 116 -23.98 -5.47 15.98
N SER C 117 -23.41 -5.87 17.11
CA SER C 117 -23.62 -7.21 17.64
C SER C 117 -24.91 -7.34 18.43
N ALA C 118 -25.71 -6.29 18.50
CA ALA C 118 -26.97 -6.31 19.23
C ALA C 118 -28.04 -7.05 18.42
N SER C 119 -29.11 -7.41 19.10
CA SER C 119 -30.20 -8.17 18.52
C SER C 119 -31.43 -7.28 18.36
N THR C 120 -32.19 -7.54 17.30
CA THR C 120 -33.41 -6.78 17.04
C THR C 120 -34.44 -7.03 18.14
N LYS C 121 -35.06 -5.95 18.63
CA LYS C 121 -36.10 -6.06 19.63
C LYS C 121 -37.24 -5.12 19.26
N GLY C 122 -38.47 -5.57 19.46
CA GLY C 122 -39.64 -4.80 19.16
C GLY C 122 -39.89 -3.69 20.16
N PRO C 123 -40.56 -2.62 19.72
CA PRO C 123 -40.83 -1.50 20.61
C PRO C 123 -42.04 -1.76 21.50
N SER C 124 -42.14 -0.94 22.54
CA SER C 124 -43.29 -0.93 23.44
C SER C 124 -43.89 0.47 23.45
N VAL C 125 -45.20 0.55 23.23
CA VAL C 125 -45.91 1.82 23.12
C VAL C 125 -46.71 2.05 24.39
N PHE C 126 -46.58 3.24 24.98
CA PHE C 126 -47.31 3.59 26.18
C PHE C 126 -48.03 4.92 26.00
N PRO C 127 -49.27 5.02 26.48
CA PRO C 127 -50.01 6.28 26.34
C PRO C 127 -49.45 7.39 27.20
N LEU C 128 -49.62 8.62 26.72
CA LEU C 128 -49.29 9.83 27.46
C LEU C 128 -50.59 10.62 27.62
N ALA C 129 -51.25 10.42 28.77
CA ALA C 129 -52.57 11.00 28.97
C ALA C 129 -52.47 12.53 29.08
N PRO C 130 -53.44 13.25 28.54
CA PRO C 130 -53.44 14.71 28.67
C PRO C 130 -53.66 15.14 30.11
N SER C 131 -53.11 16.30 30.44
CA SER C 131 -53.27 16.86 31.78
C SER C 131 -54.64 17.50 31.91
N SER C 132 -55.03 17.76 33.17
CA SER C 132 -56.31 18.40 33.46
C SER C 132 -56.26 19.88 33.13
N GLY C 138 -58.13 25.34 26.77
CA GLY C 138 -57.73 25.94 25.51
C GLY C 138 -57.07 24.96 24.56
N THR C 139 -55.85 24.55 24.90
CA THR C 139 -55.09 23.60 24.10
C THR C 139 -54.49 22.54 25.01
N ALA C 140 -54.61 21.27 24.58
CA ALA C 140 -54.12 20.14 25.34
C ALA C 140 -53.10 19.36 24.52
N ALA C 141 -52.24 18.62 25.22
CA ALA C 141 -51.19 17.85 24.59
C ALA C 141 -51.27 16.39 25.03
N LEU C 142 -50.90 15.50 24.13
CA LEU C 142 -50.88 14.07 24.39
C LEU C 142 -49.92 13.42 23.40
N GLY C 143 -49.58 12.17 23.67
CA GLY C 143 -48.65 11.48 22.81
C GLY C 143 -48.49 10.02 23.18
N CYS C 144 -47.49 9.39 22.55
CA CYS C 144 -47.17 8.00 22.77
C CYS C 144 -45.66 7.84 22.94
N LEU C 145 -45.28 6.84 23.72
CA LEU C 145 -43.88 6.59 24.05
C LEU C 145 -43.43 5.28 23.39
N VAL C 146 -42.51 5.38 22.44
CA VAL C 146 -41.94 4.22 21.76
C VAL C 146 -40.59 3.97 22.40
N LYS C 147 -40.51 2.95 23.26
CA LYS C 147 -39.34 2.70 24.09
C LYS C 147 -38.79 1.31 23.83
N ASP C 148 -37.45 1.20 23.88
CA ASP C 148 -36.73 -0.08 23.85
C ASP C 148 -37.01 -0.84 22.55
N TYR C 149 -36.55 -0.24 21.45
CA TYR C 149 -36.51 -0.90 20.16
C TYR C 149 -35.11 -0.79 19.58
N PHE C 150 -34.77 -1.75 18.71
CA PHE C 150 -33.49 -1.75 18.04
C PHE C 150 -33.61 -2.62 16.80
N PRO C 151 -33.06 -2.20 15.65
CA PRO C 151 -32.35 -0.95 15.40
C PRO C 151 -33.29 0.13 14.85
N GLU C 152 -32.71 1.19 14.30
CA GLU C 152 -33.49 2.21 13.62
C GLU C 152 -34.04 1.66 12.30
N PRO C 153 -35.12 2.25 11.78
CA PRO C 153 -35.94 3.32 12.33
C PRO C 153 -37.30 2.85 12.83
N VAL C 154 -38.13 3.78 13.29
CA VAL C 154 -39.51 3.49 13.67
C VAL C 154 -40.39 4.62 13.12
N THR C 155 -41.45 4.25 12.41
CA THR C 155 -42.39 5.20 11.85
C THR C 155 -43.65 5.26 12.72
N VAL C 156 -44.14 6.47 12.97
CA VAL C 156 -45.30 6.70 13.81
C VAL C 156 -46.34 7.48 13.03
N SER C 157 -47.61 7.15 13.24
CA SER C 157 -48.72 7.84 12.60
C SER C 157 -49.82 8.04 13.63
N TRP C 158 -50.65 9.05 13.39
CA TRP C 158 -51.77 9.38 14.27
C TRP C 158 -53.07 9.29 13.48
N ASN C 159 -53.99 8.46 13.96
CA ASN C 159 -55.29 8.24 13.31
C ASN C 159 -55.10 7.81 11.85
N SER C 160 -54.10 6.96 11.62
CA SER C 160 -53.79 6.44 10.30
C SER C 160 -53.60 7.56 9.28
N GLY C 161 -52.86 8.59 9.67
CA GLY C 161 -52.57 9.71 8.81
C GLY C 161 -53.62 10.80 8.78
N ALA C 162 -54.72 10.65 9.54
CA ALA C 162 -55.74 11.69 9.56
C ALA C 162 -55.24 12.94 10.28
N LEU C 163 -54.48 12.77 11.36
CA LEU C 163 -53.98 13.89 12.15
C LEU C 163 -52.52 14.13 11.78
N THR C 164 -52.25 15.26 11.13
CA THR C 164 -50.92 15.62 10.71
C THR C 164 -50.46 17.00 11.16
N SER C 165 -51.34 17.81 11.75
CA SER C 165 -50.98 19.15 12.19
C SER C 165 -50.57 19.13 13.66
N GLY C 166 -49.40 19.70 13.94
CA GLY C 166 -48.88 19.70 15.29
C GLY C 166 -48.26 18.40 15.74
N VAL C 167 -48.07 17.45 14.83
CA VAL C 167 -47.51 16.14 15.16
C VAL C 167 -45.99 16.32 15.23
N HIS C 168 -45.44 16.35 16.43
CA HIS C 168 -44.00 16.48 16.65
C HIS C 168 -43.45 15.11 17.02
N THR C 169 -42.64 14.54 16.12
CA THR C 169 -41.96 13.28 16.36
C THR C 169 -40.48 13.58 16.58
N PHE C 170 -40.00 13.37 17.80
CA PHE C 170 -38.65 13.70 18.17
C PHE C 170 -37.65 12.70 17.60
N PRO C 171 -36.42 13.11 17.35
CA PRO C 171 -35.39 12.15 16.94
C PRO C 171 -35.15 11.11 18.03
N ALA C 172 -34.87 9.88 17.61
CA ALA C 172 -34.61 8.81 18.54
C ALA C 172 -33.31 9.08 19.31
N VAL C 173 -33.30 8.67 20.58
CA VAL C 173 -32.14 8.83 21.45
C VAL C 173 -31.73 7.44 21.95
N LEU C 174 -30.44 7.14 21.84
CA LEU C 174 -29.93 5.85 22.28
C LEU C 174 -29.79 5.87 23.81
N GLN C 175 -30.50 4.96 24.47
CA GLN C 175 -30.47 4.88 25.91
C GLN C 175 -29.26 4.08 26.39
N SER C 176 -29.02 4.10 27.70
CA SER C 176 -27.91 3.36 28.28
C SER C 176 -28.06 1.86 28.11
N SER C 177 -29.27 1.37 27.89
CA SER C 177 -29.50 -0.06 27.69
C SER C 177 -29.05 -0.55 26.33
N GLY C 178 -28.64 0.34 25.43
CA GLY C 178 -28.31 -0.02 24.08
C GLY C 178 -29.49 -0.06 23.14
N LEU C 179 -30.67 0.38 23.58
CA LEU C 179 -31.86 0.40 22.76
C LEU C 179 -32.37 1.83 22.60
N TYR C 180 -32.98 2.10 21.45
CA TYR C 180 -33.47 3.44 21.16
C TYR C 180 -34.82 3.68 21.84
N SER C 181 -35.11 4.95 22.08
CA SER C 181 -36.39 5.38 22.63
C SER C 181 -36.92 6.56 21.81
N LEU C 182 -38.24 6.65 21.74
CA LEU C 182 -38.88 7.62 20.86
C LEU C 182 -40.18 8.10 21.50
N SER C 183 -40.45 9.39 21.37
CA SER C 183 -41.69 9.98 21.83
C SER C 183 -42.29 10.80 20.68
N SER C 184 -43.59 10.63 20.46
CA SER C 184 -44.33 11.39 19.46
C SER C 184 -45.56 11.98 20.12
N VAL C 185 -45.74 13.30 19.96
CA VAL C 185 -46.82 14.02 20.63
C VAL C 185 -47.56 14.87 19.61
N VAL C 186 -48.83 15.17 19.92
CA VAL C 186 -49.67 16.03 19.12
C VAL C 186 -50.31 17.06 20.05
N THR C 187 -50.75 18.18 19.47
CA THR C 187 -51.34 19.26 20.25
C THR C 187 -52.77 19.46 19.75
N VAL C 188 -53.71 18.71 20.33
CA VAL C 188 -55.13 18.79 19.97
C VAL C 188 -55.81 19.79 20.90
N PRO C 189 -56.67 20.65 20.38
CA PRO C 189 -57.34 21.64 21.24
C PRO C 189 -58.22 20.94 22.27
N SER C 190 -58.34 21.58 23.44
CA SER C 190 -59.17 21.04 24.50
C SER C 190 -60.64 21.01 24.06
N SER C 191 -61.43 20.21 24.78
CA SER C 191 -62.83 19.88 24.50
C SER C 191 -62.96 18.94 23.31
N SER C 192 -61.88 18.61 22.61
CA SER C 192 -61.91 17.58 21.59
C SER C 192 -61.69 16.19 22.16
N LEU C 193 -61.18 16.09 23.39
CA LEU C 193 -61.05 14.80 24.05
C LEU C 193 -62.42 14.25 24.40
N GLY C 194 -62.59 12.95 24.23
CA GLY C 194 -63.89 12.32 24.44
C GLY C 194 -64.75 12.27 23.20
N THR C 195 -64.93 13.42 22.55
CA THR C 195 -65.65 13.44 21.28
C THR C 195 -64.83 12.79 20.16
N GLN C 196 -63.51 12.99 20.19
CA GLN C 196 -62.60 12.42 19.21
C GLN C 196 -61.64 11.47 19.90
N THR C 197 -61.48 10.27 19.35
CA THR C 197 -60.57 9.26 19.89
C THR C 197 -59.28 9.29 19.09
N TYR C 198 -58.15 9.30 19.78
CA TYR C 198 -56.83 9.39 19.17
C TYR C 198 -56.07 8.09 19.38
N ILE C 199 -55.51 7.55 18.29
CA ILE C 199 -54.72 6.33 18.31
C ILE C 199 -53.44 6.57 17.53
N CYS C 200 -52.31 6.18 18.11
CA CYS C 200 -51.01 6.36 17.48
C CYS C 200 -50.58 5.05 16.82
N ASN C 201 -50.21 5.14 15.54
CA ASN C 201 -49.85 3.97 14.74
C ASN C 201 -48.33 3.89 14.67
N VAL C 202 -47.76 2.92 15.39
CA VAL C 202 -46.31 2.74 15.46
C VAL C 202 -45.94 1.51 14.65
N ASN C 203 -44.96 1.68 13.76
CA ASN C 203 -44.49 0.60 12.91
C ASN C 203 -42.98 0.49 13.02
N HIS C 204 -42.49 -0.70 13.28
CA HIS C 204 -41.05 -1.00 13.37
C HIS C 204 -40.77 -2.12 12.39
N LYS C 205 -40.46 -1.75 11.14
CA LYS C 205 -40.23 -2.75 10.10
C LYS C 205 -39.10 -3.73 10.42
N PRO C 206 -37.95 -3.32 10.98
CA PRO C 206 -36.92 -4.32 11.32
C PRO C 206 -37.41 -5.42 12.24
N SER C 207 -38.36 -5.13 13.13
CA SER C 207 -38.94 -6.15 14.00
C SER C 207 -40.30 -6.63 13.53
N ASN C 208 -40.80 -6.12 12.40
CA ASN C 208 -42.12 -6.47 11.88
C ASN C 208 -43.21 -6.26 12.94
N THR C 209 -43.09 -5.17 13.68
CA THR C 209 -44.01 -4.83 14.74
C THR C 209 -44.90 -3.68 14.30
N LYS C 210 -46.22 -3.84 14.46
CA LYS C 210 -47.18 -2.80 14.14
C LYS C 210 -48.17 -2.69 15.30
N VAL C 211 -48.10 -1.59 16.04
CA VAL C 211 -48.93 -1.36 17.21
C VAL C 211 -49.71 -0.08 17.01
N ASP C 212 -51.02 -0.14 17.21
CA ASP C 212 -51.91 1.02 17.18
C ASP C 212 -52.47 1.20 18.58
N LYS C 213 -51.73 1.91 19.42
CA LYS C 213 -52.10 2.09 20.81
C LYS C 213 -53.03 3.29 20.95
N LYS C 214 -54.10 3.12 21.72
CA LYS C 214 -55.08 4.18 21.93
C LYS C 214 -54.75 4.95 23.19
N VAL C 215 -54.66 6.27 23.08
CA VAL C 215 -54.37 7.12 24.23
C VAL C 215 -55.66 7.82 24.63
N GLU C 216 -56.05 7.67 25.89
CA GLU C 216 -57.29 8.23 26.39
C GLU C 216 -57.02 9.12 27.60
N PRO C 217 -57.73 10.22 27.75
CA PRO C 217 -57.56 11.06 28.94
C PRO C 217 -58.03 10.33 30.19
N LYS C 218 -57.12 10.14 31.14
CA LYS C 218 -57.43 9.38 32.35
C LYS C 218 -58.13 10.25 33.39
N GLU D 1 -5.14 13.53 0.06
CA GLU D 1 -6.56 13.66 0.37
C GLU D 1 -6.89 15.10 0.76
N ILE D 2 -7.42 15.85 -0.21
CA ILE D 2 -7.75 17.25 0.01
C ILE D 2 -8.88 17.36 1.03
N VAL D 3 -8.69 18.22 2.02
CA VAL D 3 -9.67 18.43 3.08
C VAL D 3 -10.33 19.78 2.86
N LEU D 4 -11.66 19.81 2.96
CA LEU D 4 -12.45 21.02 2.74
C LEU D 4 -12.96 21.54 4.07
N THR D 5 -12.67 22.80 4.36
CA THR D 5 -13.09 23.45 5.60
C THR D 5 -14.17 24.47 5.28
N GLN D 6 -15.30 24.40 5.99
CA GLN D 6 -16.42 25.30 5.78
C GLN D 6 -16.56 26.23 6.97
N SER D 7 -16.85 27.50 6.68
CA SER D 7 -17.12 28.49 7.71
C SER D 7 -18.32 29.32 7.29
N PRO D 8 -19.23 29.62 8.21
CA PRO D 8 -19.24 29.23 9.62
C PRO D 8 -19.72 27.78 9.79
N GLY D 9 -19.50 27.16 10.95
CA GLY D 9 -20.06 25.85 11.19
C GLY D 9 -21.57 25.84 11.24
N THR D 10 -22.19 26.97 11.57
CA THR D 10 -23.64 27.11 11.59
C THR D 10 -23.97 28.59 11.47
N LEU D 11 -24.94 28.91 10.63
CA LEU D 11 -25.32 30.28 10.36
C LEU D 11 -26.83 30.43 10.43
N SER D 12 -27.30 31.49 11.09
CA SER D 12 -28.72 31.74 11.27
C SER D 12 -29.05 33.14 10.80
N LEU D 13 -30.07 33.26 9.95
CA LEU D 13 -30.51 34.54 9.42
C LEU D 13 -32.03 34.54 9.27
N SER D 14 -32.60 35.74 9.27
CA SER D 14 -34.03 35.92 9.07
C SER D 14 -34.39 35.80 7.60
N PRO D 15 -35.64 35.46 7.29
CA PRO D 15 -36.06 35.37 5.89
C PRO D 15 -35.91 36.70 5.17
N GLY D 16 -35.54 36.63 3.90
CA GLY D 16 -35.35 37.80 3.06
C GLY D 16 -33.95 38.37 3.06
N GLU D 17 -33.05 37.87 3.90
CA GLU D 17 -31.68 38.36 3.95
C GLU D 17 -30.82 37.63 2.92
N ARG D 18 -29.51 37.78 3.02
CA ARG D 18 -28.56 37.09 2.16
C ARG D 18 -27.59 36.30 3.02
N ALA D 19 -27.47 35.00 2.71
CA ALA D 19 -26.58 34.10 3.44
C ALA D 19 -25.35 33.81 2.59
N THR D 20 -24.18 33.96 3.19
CA THR D 20 -22.91 33.71 2.52
C THR D 20 -22.19 32.57 3.22
N LEU D 21 -21.79 31.55 2.45
CA LEU D 21 -21.10 30.38 2.96
C LEU D 21 -19.75 30.26 2.27
N SER D 22 -18.72 29.93 3.04
CA SER D 22 -17.37 29.84 2.52
C SER D 22 -16.87 28.41 2.62
N CYS D 23 -16.13 27.98 1.59
CA CYS D 23 -15.55 26.64 1.52
C CYS D 23 -14.08 26.80 1.12
N ARG D 24 -13.17 26.46 2.04
CA ARG D 24 -11.74 26.59 1.80
C ARG D 24 -11.11 25.21 1.73
N ALA D 25 -10.13 25.06 0.84
CA ALA D 25 -9.54 23.77 0.52
C ALA D 25 -8.08 23.71 0.96
N SER D 26 -7.62 22.48 1.20
CA SER D 26 -6.21 22.27 1.52
C SER D 26 -5.32 22.67 0.35
N GLN D 27 -5.71 22.33 -0.86
CA GLN D 27 -4.95 22.64 -2.07
C GLN D 27 -5.90 23.17 -3.13
N SER D 28 -5.34 23.92 -4.08
CA SER D 28 -6.13 24.49 -5.16
C SER D 28 -6.77 23.38 -5.99
N VAL D 29 -8.05 23.54 -6.28
CA VAL D 29 -8.80 22.57 -7.07
C VAL D 29 -9.28 23.13 -8.39
N SER D 30 -9.03 24.41 -8.67
CA SER D 30 -9.31 25.03 -9.97
C SER D 30 -10.79 24.91 -10.35
N SER D 31 -11.64 25.51 -9.51
CA SER D 31 -13.08 25.65 -9.71
C SER D 31 -13.79 24.31 -9.84
N TYR D 32 -13.12 23.20 -9.53
CA TYR D 32 -13.75 21.88 -9.58
C TYR D 32 -14.46 21.59 -8.25
N LEU D 33 -15.50 22.40 -8.00
CA LEU D 33 -16.25 22.32 -6.75
C LEU D 33 -17.73 22.23 -7.05
N ALA D 34 -18.46 21.55 -6.16
CA ALA D 34 -19.90 21.41 -6.25
C ALA D 34 -20.54 21.73 -4.90
N TRP D 35 -21.76 22.25 -4.95
CA TRP D 35 -22.52 22.61 -3.76
C TRP D 35 -23.81 21.80 -3.70
N TYR D 36 -24.21 21.40 -2.50
CA TYR D 36 -25.40 20.58 -2.30
C TYR D 36 -26.24 21.16 -1.18
N GLN D 37 -27.54 20.83 -1.22
CA GLN D 37 -28.48 21.18 -0.17
C GLN D 37 -29.16 19.90 0.33
N GLN D 38 -29.13 19.68 1.63
CA GLN D 38 -29.67 18.46 2.24
C GLN D 38 -30.64 18.85 3.36
N LYS D 39 -31.92 18.92 3.04
CA LYS D 39 -32.92 19.16 4.06
C LYS D 39 -33.03 17.96 5.00
N PRO D 40 -33.42 18.19 6.25
CA PRO D 40 -33.51 17.07 7.20
C PRO D 40 -34.48 16.00 6.71
N GLY D 41 -34.06 14.74 6.84
CA GLY D 41 -34.86 13.64 6.38
C GLY D 41 -34.91 13.45 4.89
N GLN D 42 -34.03 14.11 4.13
CA GLN D 42 -34.03 14.04 2.68
C GLN D 42 -32.60 13.82 2.17
N ALA D 43 -32.51 13.42 0.92
CA ALA D 43 -31.23 13.19 0.26
C ALA D 43 -30.60 14.52 -0.17
N PRO D 44 -29.27 14.53 -0.32
CA PRO D 44 -28.62 15.74 -0.86
C PRO D 44 -29.13 16.06 -2.26
N ARG D 45 -29.26 17.35 -2.55
CA ARG D 45 -29.74 17.85 -3.82
C ARG D 45 -28.69 18.76 -4.42
N LEU D 46 -28.30 18.48 -5.66
CA LEU D 46 -27.27 19.28 -6.32
C LEU D 46 -27.75 20.72 -6.49
N LEU D 47 -26.88 21.67 -6.14
CA LEU D 47 -27.20 23.09 -6.21
C LEU D 47 -26.38 23.81 -7.25
N ILE D 48 -25.05 23.70 -7.19
CA ILE D 48 -24.15 24.41 -8.09
C ILE D 48 -22.95 23.53 -8.39
N TYR D 49 -22.67 23.32 -9.66
CA TYR D 49 -21.50 22.58 -10.11
C TYR D 49 -20.53 23.51 -10.82
N GLY D 50 -19.26 23.12 -10.82
CA GLY D 50 -18.24 23.97 -11.40
C GLY D 50 -18.03 25.28 -10.65
N ALA D 51 -18.57 25.38 -9.44
CA ALA D 51 -18.39 26.52 -8.54
C ALA D 51 -19.14 27.77 -9.03
N SER D 52 -19.75 27.69 -10.21
CA SER D 52 -20.49 28.82 -10.74
C SER D 52 -21.78 28.47 -11.47
N SER D 53 -21.98 27.21 -11.86
CA SER D 53 -23.09 26.83 -12.73
C SER D 53 -24.23 26.27 -11.90
N ARG D 54 -25.40 26.89 -12.01
CA ARG D 54 -26.59 26.41 -11.33
C ARG D 54 -27.13 25.15 -12.01
N ALA D 55 -27.60 24.20 -11.21
CA ALA D 55 -28.18 22.98 -11.75
C ALA D 55 -29.59 23.25 -12.25
N THR D 56 -30.18 22.21 -12.86
CA THR D 56 -31.52 22.34 -13.42
C THR D 56 -32.55 22.52 -12.30
N GLY D 57 -33.42 23.51 -12.45
CA GLY D 57 -34.45 23.78 -11.48
C GLY D 57 -34.01 24.59 -10.27
N ILE D 58 -32.73 24.93 -10.18
CA ILE D 58 -32.24 25.70 -9.03
C ILE D 58 -32.61 27.17 -9.24
N PRO D 59 -33.27 27.81 -8.28
CA PRO D 59 -33.66 29.21 -8.45
C PRO D 59 -32.44 30.12 -8.61
N ASP D 60 -32.66 31.23 -9.31
CA ASP D 60 -31.57 32.18 -9.58
C ASP D 60 -31.02 32.81 -8.30
N ARG D 61 -31.77 32.76 -7.20
CA ARG D 61 -31.31 33.37 -5.96
C ARG D 61 -30.06 32.69 -5.44
N PHE D 62 -29.84 31.43 -5.77
CA PHE D 62 -28.61 30.74 -5.44
C PHE D 62 -27.51 31.14 -6.42
N SER D 63 -26.30 31.33 -5.89
CA SER D 63 -25.19 31.76 -6.72
C SER D 63 -23.88 31.24 -6.14
N GLY D 64 -22.98 30.83 -7.03
CA GLY D 64 -21.66 30.36 -6.63
C GLY D 64 -20.55 31.26 -7.11
N SER D 65 -19.41 31.24 -6.44
CA SER D 65 -18.30 32.12 -6.78
C SER D 65 -17.01 31.53 -6.24
N GLY D 66 -15.90 32.06 -6.72
CA GLY D 66 -14.58 31.70 -6.25
C GLY D 66 -13.92 30.64 -7.11
N SER D 67 -12.61 30.49 -6.93
CA SER D 67 -11.83 29.50 -7.64
C SER D 67 -10.56 29.21 -6.87
N GLY D 68 -9.99 28.03 -7.13
CA GLY D 68 -8.73 27.65 -6.52
C GLY D 68 -8.89 27.08 -5.13
N THR D 69 -8.58 27.88 -4.12
CA THR D 69 -8.65 27.47 -2.72
C THR D 69 -9.88 28.01 -2.00
N ASP D 70 -10.27 29.26 -2.27
CA ASP D 70 -11.38 29.91 -1.59
C ASP D 70 -12.62 29.89 -2.48
N PHE D 71 -13.74 29.47 -1.91
CA PHE D 71 -15.01 29.41 -2.61
C PHE D 71 -16.10 30.03 -1.74
N THR D 72 -17.17 30.50 -2.38
CA THR D 72 -18.25 31.16 -1.68
C THR D 72 -19.58 30.80 -2.32
N LEU D 73 -20.53 30.38 -1.49
CA LEU D 73 -21.91 30.14 -1.91
C LEU D 73 -22.78 31.24 -1.32
N THR D 74 -23.45 32.00 -2.18
CA THR D 74 -24.28 33.12 -1.77
C THR D 74 -25.73 32.84 -2.10
N ILE D 75 -26.60 32.91 -1.10
CA ILE D 75 -28.04 32.73 -1.27
C ILE D 75 -28.73 34.02 -0.86
N SER D 76 -29.54 34.56 -1.76
CA SER D 76 -30.26 35.80 -1.51
C SER D 76 -31.76 35.53 -1.49
N ARG D 77 -32.50 36.47 -0.89
CA ARG D 77 -33.95 36.38 -0.77
C ARG D 77 -34.38 35.05 -0.16
N LEU D 78 -33.89 34.81 1.06
CA LEU D 78 -34.16 33.56 1.75
C LEU D 78 -35.65 33.42 2.08
N GLU D 79 -36.31 32.48 1.43
CA GLU D 79 -37.72 32.21 1.64
C GLU D 79 -37.90 31.31 2.86
N PRO D 80 -39.14 30.93 3.21
CA PRO D 80 -39.33 29.75 4.07
C PRO D 80 -38.61 28.55 3.51
N GLU D 81 -38.46 27.49 4.31
CA GLU D 81 -37.46 26.43 4.10
C GLU D 81 -36.17 27.04 3.56
N ASP D 82 -35.59 26.44 2.52
CA ASP D 82 -34.37 26.94 1.89
C ASP D 82 -33.19 26.94 2.86
N PHE D 83 -33.39 26.40 4.07
CA PHE D 83 -32.36 26.31 5.09
C PHE D 83 -32.13 24.83 5.41
N ALA D 84 -30.89 24.40 5.26
CA ALA D 84 -30.53 22.99 5.44
C ALA D 84 -29.04 22.92 5.73
N VAL D 85 -28.49 21.71 5.65
CA VAL D 85 -27.04 21.51 5.74
C VAL D 85 -26.49 21.56 4.32
N TYR D 86 -25.65 22.56 4.05
CA TYR D 86 -25.10 22.79 2.72
C TYR D 86 -23.68 22.27 2.66
N TYR D 87 -23.41 21.39 1.70
CA TYR D 87 -22.11 20.73 1.56
C TYR D 87 -21.41 21.21 0.30
N CYS D 88 -20.10 21.39 0.40
CA CYS D 88 -19.26 21.66 -0.75
C CYS D 88 -18.39 20.44 -1.01
N GLN D 89 -18.32 20.02 -2.27
CA GLN D 89 -17.56 18.85 -2.68
C GLN D 89 -16.57 19.24 -3.76
N GLN D 90 -15.33 18.81 -3.61
CA GLN D 90 -14.28 19.06 -4.60
C GLN D 90 -14.06 17.81 -5.44
N TYR D 91 -13.75 18.03 -6.72
CA TYR D 91 -13.38 16.94 -7.63
C TYR D 91 -12.18 17.32 -8.46
N GLY D 92 -11.19 17.95 -7.83
CA GLY D 92 -9.94 18.27 -8.50
C GLY D 92 -8.95 17.13 -8.48
N SER D 93 -8.77 16.52 -7.31
CA SER D 93 -7.87 15.38 -7.15
C SER D 93 -8.60 14.27 -6.39
N SER D 94 -8.37 13.03 -6.84
CA SER D 94 -8.95 11.88 -6.18
C SER D 94 -8.21 11.59 -4.87
N PRO D 95 -8.91 11.09 -3.85
CA PRO D 95 -10.35 10.81 -3.79
C PRO D 95 -11.19 12.06 -3.60
N ARG D 96 -12.43 12.07 -4.10
CA ARG D 96 -13.30 13.22 -3.92
C ARG D 96 -13.74 13.33 -2.46
N THR D 97 -13.73 14.54 -1.93
CA THR D 97 -14.03 14.79 -0.54
C THR D 97 -15.08 15.88 -0.40
N PHE D 98 -15.83 15.81 0.71
CA PHE D 98 -16.87 16.76 1.02
C PHE D 98 -16.41 17.70 2.13
N GLY D 99 -17.20 18.75 2.35
CA GLY D 99 -17.02 19.59 3.51
C GLY D 99 -17.78 19.06 4.71
N GLN D 100 -17.44 19.58 5.89
CA GLN D 100 -18.10 19.14 7.11
C GLN D 100 -19.54 19.63 7.22
N GLY D 101 -19.94 20.58 6.38
CA GLY D 101 -21.31 21.04 6.38
C GLY D 101 -21.47 22.39 7.06
N THR D 102 -22.50 23.13 6.65
CA THR D 102 -22.83 24.43 7.22
C THR D 102 -24.33 24.47 7.45
N LYS D 103 -24.76 24.17 8.67
CA LYS D 103 -26.17 24.15 8.99
C LYS D 103 -26.75 25.55 8.92
N LEU D 104 -27.95 25.66 8.35
CA LEU D 104 -28.66 26.93 8.22
C LEU D 104 -30.03 26.81 8.88
N GLU D 105 -30.39 27.82 9.69
CA GLU D 105 -31.69 27.86 10.34
C GLU D 105 -32.25 29.27 10.22
N ILE D 106 -33.58 29.36 10.04
CA ILE D 106 -34.24 30.66 9.90
C ILE D 106 -34.41 31.29 11.28
N LYS D 107 -34.77 32.57 11.29
CA LYS D 107 -35.05 33.30 12.51
C LYS D 107 -36.50 33.74 12.54
N ARG D 108 -37.04 33.88 13.75
CA ARG D 108 -38.41 34.34 13.92
C ARG D 108 -38.50 35.09 15.25
N THR D 109 -39.72 35.51 15.59
CA THR D 109 -39.96 36.14 16.88
C THR D 109 -39.76 35.15 18.01
N VAL D 110 -39.27 35.65 19.14
CA VAL D 110 -39.04 34.80 20.30
C VAL D 110 -40.39 34.33 20.85
N ALA D 111 -40.59 33.01 20.88
CA ALA D 111 -41.83 32.42 21.34
C ALA D 111 -41.55 31.54 22.54
N ALA D 112 -42.34 31.73 23.60
CA ALA D 112 -42.17 30.95 24.81
C ALA D 112 -42.66 29.52 24.60
N PRO D 113 -42.01 28.54 25.23
CA PRO D 113 -42.45 27.16 25.08
C PRO D 113 -43.77 26.89 25.81
N SER D 114 -44.50 25.91 25.30
CA SER D 114 -45.69 25.39 25.97
C SER D 114 -45.26 24.14 26.73
N VAL D 115 -45.25 24.23 28.05
CA VAL D 115 -44.67 23.18 28.89
C VAL D 115 -45.77 22.21 29.31
N PHE D 116 -45.54 20.93 29.05
CA PHE D 116 -46.43 19.86 29.46
C PHE D 116 -45.62 18.75 30.10
N ILE D 117 -46.22 18.08 31.09
CA ILE D 117 -45.57 17.00 31.82
C ILE D 117 -46.49 15.80 31.84
N PHE D 118 -45.93 14.61 31.65
CA PHE D 118 -46.70 13.38 31.55
C PHE D 118 -46.21 12.38 32.58
N PRO D 119 -47.04 11.98 33.55
CA PRO D 119 -46.66 10.89 34.45
C PRO D 119 -46.56 9.57 33.71
N PRO D 120 -45.78 8.62 34.22
CA PRO D 120 -45.67 7.32 33.54
C PRO D 120 -47.00 6.59 33.53
N SER D 121 -47.26 5.86 32.45
CA SER D 121 -48.49 5.10 32.31
C SER D 121 -48.50 3.90 33.25
N ASP D 122 -49.70 3.51 33.67
CA ASP D 122 -49.83 2.35 34.54
C ASP D 122 -49.42 1.06 33.84
N GLU D 123 -49.65 0.98 32.53
CA GLU D 123 -49.21 -0.19 31.77
C GLU D 123 -47.70 -0.35 31.83
N GLN D 124 -46.97 0.75 31.68
CA GLN D 124 -45.51 0.69 31.76
C GLN D 124 -45.04 0.34 33.17
N LEU D 125 -45.75 0.84 34.19
CA LEU D 125 -45.38 0.53 35.57
C LEU D 125 -45.44 -0.95 35.86
N LYS D 126 -46.33 -1.68 35.18
CA LYS D 126 -46.40 -3.13 35.37
C LYS D 126 -45.14 -3.83 34.89
N SER D 127 -44.42 -3.23 33.95
CA SER D 127 -43.19 -3.81 33.43
C SER D 127 -41.99 -3.61 34.34
N GLY D 128 -42.12 -2.77 35.37
CA GLY D 128 -41.04 -2.52 36.30
C GLY D 128 -40.25 -1.27 36.07
N THR D 129 -40.62 -0.44 35.09
CA THR D 129 -39.93 0.81 34.81
C THR D 129 -40.95 1.93 34.66
N ALA D 130 -40.54 3.13 35.02
CA ALA D 130 -41.37 4.33 34.92
C ALA D 130 -40.64 5.38 34.11
N SER D 131 -41.37 6.06 33.22
CA SER D 131 -40.82 7.10 32.37
C SER D 131 -41.66 8.35 32.53
N VAL D 132 -41.03 9.45 32.91
CA VAL D 132 -41.69 10.75 33.04
C VAL D 132 -41.19 11.63 31.91
N VAL D 133 -42.11 12.24 31.17
CA VAL D 133 -41.80 13.00 29.97
C VAL D 133 -42.24 14.45 30.18
N CYS D 134 -41.35 15.38 29.89
CA CYS D 134 -41.65 16.80 29.93
C CYS D 134 -41.56 17.37 28.51
N LEU D 135 -42.56 18.14 28.11
CA LEU D 135 -42.69 18.63 26.75
C LEU D 135 -42.44 20.13 26.70
N LEU D 136 -41.61 20.56 25.76
CA LEU D 136 -41.36 21.97 25.47
C LEU D 136 -41.77 22.17 24.01
N ASN D 137 -43.00 22.61 23.79
CA ASN D 137 -43.59 22.62 22.47
C ASN D 137 -43.63 24.03 21.89
N ASN D 138 -43.15 24.17 20.66
CA ASN D 138 -43.27 25.39 19.86
C ASN D 138 -42.60 26.58 20.57
N PHE D 139 -41.28 26.49 20.68
CA PHE D 139 -40.48 27.56 21.25
C PHE D 139 -39.35 27.94 20.28
N TYR D 140 -38.88 29.18 20.44
CA TYR D 140 -37.74 29.69 19.70
C TYR D 140 -37.13 30.80 20.54
N PRO D 141 -35.79 30.88 20.66
CA PRO D 141 -34.76 30.07 19.99
C PRO D 141 -34.63 28.66 20.56
N ARG D 142 -33.79 27.83 19.90
CA ARG D 142 -33.65 26.44 20.29
C ARG D 142 -33.05 26.29 21.68
N GLU D 143 -32.18 27.23 22.09
CA GLU D 143 -31.48 27.10 23.35
C GLU D 143 -32.46 27.16 24.51
N ALA D 144 -32.50 26.09 25.30
CA ALA D 144 -33.38 26.01 26.46
C ALA D 144 -32.75 25.09 27.50
N LYS D 145 -33.15 25.27 28.74
CA LYS D 145 -32.63 24.49 29.87
C LYS D 145 -33.79 23.81 30.57
N VAL D 146 -33.65 22.50 30.79
CA VAL D 146 -34.67 21.69 31.47
C VAL D 146 -34.01 20.98 32.65
N GLN D 147 -34.58 21.15 33.83
CA GLN D 147 -34.09 20.50 35.04
C GLN D 147 -35.21 19.72 35.70
N TRP D 148 -34.89 18.51 36.15
CA TRP D 148 -35.84 17.65 36.84
C TRP D 148 -35.63 17.80 38.34
N LYS D 149 -36.68 18.23 39.05
CA LYS D 149 -36.67 18.33 40.50
C LYS D 149 -37.68 17.34 41.05
N VAL D 150 -37.20 16.41 41.89
CA VAL D 150 -38.03 15.40 42.51
C VAL D 150 -37.98 15.61 44.02
N ASP D 151 -39.12 15.97 44.60
CA ASP D 151 -39.21 16.36 46.00
C ASP D 151 -38.23 17.50 46.30
N ASN D 152 -38.20 18.48 45.39
CA ASN D 152 -37.31 19.64 45.47
C ASN D 152 -35.84 19.24 45.52
N ALA D 153 -35.51 18.09 44.94
CA ALA D 153 -34.12 17.64 44.82
C ALA D 153 -33.79 17.52 43.34
N LEU D 154 -32.74 18.23 42.91
CA LEU D 154 -32.35 18.20 41.51
C LEU D 154 -31.88 16.80 41.11
N GLN D 155 -32.36 16.34 39.96
CA GLN D 155 -32.06 15.00 39.47
C GLN D 155 -31.12 15.11 38.27
N SER D 156 -30.08 14.28 38.26
CA SER D 156 -29.09 14.32 37.20
C SER D 156 -28.66 12.91 36.84
N GLY D 157 -28.23 12.73 35.60
CA GLY D 157 -27.67 11.48 35.13
C GLY D 157 -28.66 10.42 34.73
N ASN D 158 -29.97 10.72 34.76
CA ASN D 158 -30.99 9.74 34.40
C ASN D 158 -32.03 10.34 33.46
N SER D 159 -31.72 11.45 32.80
CA SER D 159 -32.64 12.09 31.87
C SER D 159 -31.94 12.31 30.53
N GLN D 160 -32.72 12.22 29.46
CA GLN D 160 -32.22 12.44 28.10
C GLN D 160 -33.14 13.42 27.38
N GLU D 161 -32.55 14.22 26.50
CA GLU D 161 -33.29 15.24 25.76
C GLU D 161 -33.21 14.96 24.27
N SER D 162 -34.30 15.28 23.57
CA SER D 162 -34.37 15.16 22.12
C SER D 162 -35.17 16.33 21.59
N VAL D 163 -34.63 17.00 20.57
CA VAL D 163 -35.23 18.20 20.01
C VAL D 163 -35.43 18.02 18.51
N THR D 164 -36.58 18.46 18.00
CA THR D 164 -36.91 18.32 16.60
C THR D 164 -36.25 19.44 15.79
N GLU D 165 -36.45 19.40 14.48
CA GLU D 165 -36.02 20.46 13.59
C GLU D 165 -37.10 21.54 13.55
N GLN D 166 -36.83 22.60 12.78
CA GLN D 166 -37.78 23.70 12.69
C GLN D 166 -39.07 23.24 12.01
N ASP D 167 -40.20 23.65 12.58
CA ASP D 167 -41.49 23.31 12.01
C ASP D 167 -41.70 24.03 10.69
N SER D 168 -42.35 23.35 9.74
CA SER D 168 -42.62 23.97 8.45
C SER D 168 -43.63 25.12 8.59
N LYS D 169 -44.62 24.96 9.46
CA LYS D 169 -45.67 25.96 9.57
C LYS D 169 -45.15 27.25 10.19
N ASP D 170 -44.43 27.15 11.32
CA ASP D 170 -44.07 28.35 12.06
C ASP D 170 -42.63 28.35 12.58
N SER D 171 -41.76 27.46 12.08
CA SER D 171 -40.34 27.46 12.44
C SER D 171 -40.13 27.37 13.95
N THR D 172 -40.92 26.52 14.60
CA THR D 172 -40.88 26.37 16.06
C THR D 172 -40.24 25.04 16.42
N TYR D 173 -39.24 25.09 17.28
CA TYR D 173 -38.61 23.88 17.79
C TYR D 173 -39.49 23.23 18.86
N SER D 174 -39.16 21.98 19.18
CA SER D 174 -39.84 21.26 20.25
C SER D 174 -38.86 20.30 20.89
N LEU D 175 -38.82 20.29 22.22
CA LEU D 175 -37.90 19.47 22.98
C LEU D 175 -38.67 18.59 23.96
N SER D 176 -38.18 17.36 24.15
CA SER D 176 -38.77 16.41 25.08
C SER D 176 -37.69 15.95 26.05
N SER D 177 -37.94 16.14 27.34
CA SER D 177 -37.06 15.68 28.39
C SER D 177 -37.70 14.47 29.06
N THR D 178 -37.00 13.34 29.04
CA THR D 178 -37.54 12.08 29.54
C THR D 178 -36.70 11.60 30.71
N LEU D 179 -37.37 11.31 31.83
CA LEU D 179 -36.72 10.81 33.04
C LEU D 179 -36.99 9.32 33.18
N THR D 180 -35.92 8.54 33.34
CA THR D 180 -36.02 7.09 33.43
C THR D 180 -35.75 6.64 34.86
N LEU D 181 -36.68 5.88 35.41
CA LEU D 181 -36.55 5.36 36.77
C LEU D 181 -37.05 3.92 36.79
N SER D 182 -36.56 3.15 37.76
CA SER D 182 -37.16 1.86 38.05
C SER D 182 -38.48 2.06 38.79
N LYS D 183 -39.30 1.02 38.80
CA LYS D 183 -40.61 1.12 39.44
C LYS D 183 -40.48 1.39 40.93
N ALA D 184 -39.53 0.71 41.58
CA ALA D 184 -39.34 0.90 43.02
C ALA D 184 -38.94 2.33 43.35
N ASP D 185 -38.02 2.90 42.56
CA ASP D 185 -37.62 4.28 42.80
C ASP D 185 -38.75 5.25 42.56
N TYR D 186 -39.63 4.95 41.60
CA TYR D 186 -40.74 5.85 41.31
C TYR D 186 -41.73 5.92 42.47
N GLU D 187 -41.93 4.81 43.19
CA GLU D 187 -42.87 4.82 44.31
C GLU D 187 -42.30 5.49 45.55
N LYS D 188 -40.99 5.69 45.62
CA LYS D 188 -40.35 6.29 46.78
C LYS D 188 -40.39 7.81 46.76
N HIS D 189 -40.95 8.43 45.73
CA HIS D 189 -41.04 9.88 45.63
C HIS D 189 -42.48 10.27 45.31
N LYS D 190 -42.85 11.48 45.72
CA LYS D 190 -44.21 11.95 45.58
C LYS D 190 -44.38 12.99 44.46
N VAL D 191 -43.60 14.07 44.49
CA VAL D 191 -43.78 15.18 43.57
C VAL D 191 -42.67 15.14 42.53
N TYR D 192 -43.06 15.14 41.26
CA TYR D 192 -42.14 15.22 40.13
C TYR D 192 -42.39 16.53 39.39
N ALA D 193 -41.34 17.32 39.21
CA ALA D 193 -41.46 18.64 38.62
C ALA D 193 -40.51 18.78 37.46
N CYS D 194 -40.86 19.69 36.55
CA CYS D 194 -40.05 19.99 35.37
C CYS D 194 -39.90 21.50 35.26
N GLU D 195 -38.69 22.00 35.41
CA GLU D 195 -38.41 23.42 35.40
C GLU D 195 -37.75 23.80 34.07
N VAL D 196 -38.30 24.80 33.39
CA VAL D 196 -37.88 25.19 32.06
C VAL D 196 -37.40 26.63 32.08
N THR D 197 -36.21 26.87 31.54
CA THR D 197 -35.65 28.21 31.37
C THR D 197 -35.52 28.51 29.89
N HIS D 198 -36.03 29.66 29.46
CA HIS D 198 -36.01 30.01 28.05
C HIS D 198 -35.94 31.53 27.91
N GLN D 199 -35.47 31.97 26.74
CA GLN D 199 -35.39 33.39 26.45
C GLN D 199 -36.77 34.05 26.46
N GLY D 200 -37.80 33.31 26.07
CA GLY D 200 -39.16 33.83 26.04
C GLY D 200 -39.89 33.80 27.35
N LEU D 201 -39.25 33.35 28.42
CA LEU D 201 -39.87 33.27 29.74
C LEU D 201 -39.16 34.24 30.69
N SER D 202 -39.95 35.08 31.36
CA SER D 202 -39.38 36.00 32.34
C SER D 202 -38.81 35.25 33.54
N SER D 203 -39.51 34.23 34.01
CA SER D 203 -39.09 33.41 35.14
C SER D 203 -39.17 31.94 34.75
N PRO D 204 -38.38 31.08 35.39
CA PRO D 204 -38.46 29.64 35.10
C PRO D 204 -39.87 29.11 35.34
N VAL D 205 -40.38 28.37 34.36
CA VAL D 205 -41.71 27.79 34.42
C VAL D 205 -41.60 26.34 34.88
N THR D 206 -42.34 26.00 35.92
CA THR D 206 -42.28 24.65 36.50
C THR D 206 -43.66 24.00 36.39
N LYS D 207 -43.68 22.81 35.80
CA LYS D 207 -44.87 21.97 35.76
C LYS D 207 -44.62 20.73 36.60
N SER D 208 -45.51 20.46 37.55
CA SER D 208 -45.33 19.37 38.50
C SER D 208 -46.60 18.55 38.64
N PHE D 209 -46.43 17.27 38.98
CA PHE D 209 -47.54 16.40 39.31
C PHE D 209 -47.18 15.57 40.53
N ASN D 210 -48.20 15.13 41.25
CA ASN D 210 -48.03 14.31 42.44
C ASN D 210 -48.46 12.88 42.13
N ARG D 211 -47.64 11.91 42.53
CA ARG D 211 -47.94 10.52 42.26
C ARG D 211 -49.24 10.11 42.95
N GLY D 212 -50.11 9.43 42.19
CA GLY D 212 -51.40 9.00 42.71
C GLY D 212 -52.48 10.05 42.68
N GLU D 213 -52.20 11.25 42.16
CA GLU D 213 -53.20 12.32 42.12
C GLU D 213 -53.44 12.78 40.68
N ASN E 2 20.59 9.66 -42.84
CA ASN E 2 19.16 9.75 -42.60
C ASN E 2 18.83 9.67 -41.11
N LEU E 3 18.73 10.83 -40.47
CA LEU E 3 18.44 10.90 -39.04
C LEU E 3 16.95 10.74 -38.77
N CYS E 4 16.62 9.94 -37.77
CA CYS E 4 15.22 9.72 -37.42
C CYS E 4 14.64 10.98 -36.78
N PRO E 5 13.44 11.42 -37.19
CA PRO E 5 12.88 12.70 -36.73
C PRO E 5 12.32 12.64 -35.31
N PHE E 6 13.20 12.34 -34.36
CA PHE E 6 12.79 12.35 -32.95
C PHE E 6 12.53 13.76 -32.46
N GLY E 7 13.32 14.73 -32.93
CA GLY E 7 13.16 16.10 -32.47
C GLY E 7 11.83 16.72 -32.86
N GLU E 8 11.27 16.32 -34.00
CA GLU E 8 9.96 16.81 -34.40
C GLU E 8 8.91 16.43 -33.37
N VAL E 9 8.99 15.22 -32.84
CA VAL E 9 7.98 14.73 -31.90
C VAL E 9 8.15 15.40 -30.54
N PHE E 10 9.34 15.26 -29.95
CA PHE E 10 9.54 15.73 -28.58
C PHE E 10 9.52 17.25 -28.48
N ASN E 11 10.23 17.93 -29.39
CA ASN E 11 10.38 19.37 -29.33
C ASN E 11 9.32 20.12 -30.12
N ALA E 12 8.16 19.50 -30.35
CA ALA E 12 7.09 20.15 -31.11
C ALA E 12 6.62 21.41 -30.40
N THR E 13 6.28 22.43 -31.19
CA THR E 13 5.84 23.70 -30.61
C THR E 13 4.54 23.52 -29.84
N ARG E 14 3.60 22.73 -30.38
CA ARG E 14 2.37 22.39 -29.68
C ARG E 14 2.12 20.89 -29.81
N PHE E 15 1.41 20.35 -28.84
CA PHE E 15 1.05 18.93 -28.82
C PHE E 15 -0.44 18.77 -29.08
N ALA E 16 -0.82 17.54 -29.39
CA ALA E 16 -2.22 17.19 -29.61
C ALA E 16 -2.88 16.80 -28.29
N SER E 17 -4.19 17.00 -28.24
CA SER E 17 -4.95 16.58 -27.07
C SER E 17 -4.99 15.06 -27.01
N VAL E 18 -5.22 14.54 -25.79
CA VAL E 18 -5.05 13.11 -25.54
C VAL E 18 -6.07 12.29 -26.33
N TYR E 19 -7.28 12.82 -26.53
CA TYR E 19 -8.30 12.06 -27.25
C TYR E 19 -7.94 11.91 -28.73
N ALA E 20 -7.14 12.83 -29.26
CA ALA E 20 -6.72 12.77 -30.66
C ALA E 20 -5.19 12.71 -30.72
N TRP E 21 -4.60 11.84 -29.92
CA TRP E 21 -3.14 11.77 -29.79
C TRP E 21 -2.48 11.52 -31.13
N ASN E 22 -1.44 12.31 -31.42
CA ASN E 22 -0.67 12.15 -32.65
C ASN E 22 0.22 10.91 -32.56
N ARG E 23 0.42 10.27 -33.70
CA ARG E 23 1.33 9.14 -33.82
C ARG E 23 2.27 9.39 -35.00
N LYS E 24 3.57 9.25 -34.76
CA LYS E 24 4.59 9.45 -35.77
C LYS E 24 5.19 8.10 -36.15
N ARG E 25 5.05 7.74 -37.42
CA ARG E 25 5.63 6.50 -37.94
C ARG E 25 7.07 6.78 -38.37
N ILE E 26 8.02 6.01 -37.82
CA ILE E 26 9.44 6.23 -38.05
C ILE E 26 10.00 4.99 -38.74
N SER E 27 10.56 5.19 -39.93
CA SER E 27 11.13 4.08 -40.69
C SER E 27 12.24 4.60 -41.60
N ASN E 28 13.13 3.69 -41.98
CA ASN E 28 14.23 3.97 -42.90
C ASN E 28 15.08 5.15 -42.44
N CYS E 29 15.67 4.99 -41.26
CA CYS E 29 16.56 5.99 -40.70
C CYS E 29 17.38 5.34 -39.58
N VAL E 30 18.53 5.92 -39.31
CA VAL E 30 19.37 5.52 -38.18
C VAL E 30 18.95 6.34 -36.97
N ALA E 31 18.65 5.66 -35.86
CA ALA E 31 18.10 6.29 -34.67
C ALA E 31 19.22 6.48 -33.65
N ASP E 32 19.40 7.73 -33.22
CA ASP E 32 20.39 8.09 -32.21
C ASP E 32 19.61 8.52 -30.96
N TYR E 33 19.34 7.56 -30.08
CA TYR E 33 18.59 7.82 -28.86
C TYR E 33 19.42 8.55 -27.82
N SER E 34 20.76 8.55 -27.95
CA SER E 34 21.60 9.26 -27.00
C SER E 34 21.31 10.76 -26.97
N VAL E 35 20.74 11.31 -28.05
CA VAL E 35 20.25 12.68 -28.00
C VAL E 35 19.01 12.75 -27.12
N LEU E 36 18.21 11.69 -27.09
CA LEU E 36 16.96 11.71 -26.33
C LEU E 36 17.21 11.52 -24.84
N TYR E 37 17.74 10.37 -24.45
CA TYR E 37 18.12 10.18 -23.06
C TYR E 37 19.49 10.81 -22.83
N ASN E 38 20.00 10.70 -21.60
CA ASN E 38 21.20 11.43 -21.18
C ASN E 38 21.01 12.93 -21.35
N SER E 39 19.78 13.40 -21.23
CA SER E 39 19.44 14.80 -21.44
C SER E 39 18.65 15.41 -20.30
N ALA E 40 18.26 14.64 -19.29
CA ALA E 40 17.47 15.14 -18.16
C ALA E 40 16.19 15.82 -18.66
N SER E 41 15.65 16.73 -17.87
CA SER E 41 14.43 17.49 -18.14
C SER E 41 13.19 16.61 -18.25
N PHE E 42 13.30 15.30 -18.03
CA PHE E 42 12.16 14.39 -18.06
C PHE E 42 11.80 14.00 -16.65
N SER E 43 10.57 14.29 -16.24
CA SER E 43 10.12 13.94 -14.90
C SER E 43 9.77 12.45 -14.77
N THR E 44 9.54 11.76 -15.87
CA THR E 44 9.15 10.36 -15.84
C THR E 44 9.63 9.69 -17.12
N PHE E 45 10.47 8.67 -16.95
CA PHE E 45 11.02 7.90 -18.09
C PHE E 45 10.92 6.43 -17.71
N LYS E 46 9.77 5.82 -18.00
CA LYS E 46 9.49 4.44 -17.63
C LYS E 46 9.49 3.58 -18.88
N CYS E 47 10.36 2.57 -18.90
CA CYS E 47 10.48 1.66 -20.03
C CYS E 47 10.01 0.27 -19.63
N TYR E 48 9.36 -0.42 -20.57
CA TYR E 48 8.78 -1.73 -20.32
C TYR E 48 9.29 -2.69 -21.38
N GLY E 49 9.92 -3.79 -20.95
CA GLY E 49 10.36 -4.83 -21.86
C GLY E 49 11.60 -4.53 -22.66
N VAL E 50 11.98 -3.25 -22.80
CA VAL E 50 13.18 -2.88 -23.55
C VAL E 50 14.00 -1.90 -22.71
N SER E 51 15.30 -1.86 -23.02
CA SER E 51 16.23 -1.00 -22.32
C SER E 51 16.68 0.14 -23.24
N PRO E 52 16.45 1.40 -22.86
CA PRO E 52 16.96 2.50 -23.70
C PRO E 52 18.47 2.54 -23.79
N THR E 53 19.19 1.95 -22.83
CA THR E 53 20.64 1.92 -22.89
C THR E 53 21.14 1.15 -24.10
N LYS E 54 20.53 0.01 -24.38
CA LYS E 54 20.90 -0.82 -25.53
C LYS E 54 20.04 -0.55 -26.76
N LEU E 55 19.46 0.65 -26.85
CA LEU E 55 18.62 0.97 -28.00
C LEU E 55 19.44 1.42 -29.21
N ASN E 56 20.71 1.76 -29.02
CA ASN E 56 21.54 2.30 -30.08
C ASN E 56 22.20 1.23 -30.94
N ASP E 57 22.07 -0.05 -30.59
CA ASP E 57 22.67 -1.12 -31.36
C ASP E 57 21.66 -2.19 -31.76
N LEU E 58 20.37 -1.88 -31.70
CA LEU E 58 19.32 -2.78 -32.12
C LEU E 58 18.68 -2.30 -33.42
N CYS E 59 18.04 -3.23 -34.11
CA CYS E 59 17.32 -2.95 -35.35
C CYS E 59 15.86 -3.31 -35.17
N PHE E 60 14.98 -2.34 -35.39
CA PHE E 60 13.54 -2.54 -35.30
C PHE E 60 12.89 -2.23 -36.64
N THR E 61 11.81 -2.95 -36.95
CA THR E 61 11.12 -2.75 -38.22
C THR E 61 10.53 -1.35 -38.31
N ASN E 62 9.80 -0.92 -37.27
CA ASN E 62 9.22 0.40 -37.22
C ASN E 62 9.18 0.88 -35.78
N VAL E 63 9.19 2.20 -35.60
CA VAL E 63 9.12 2.82 -34.29
C VAL E 63 8.01 3.87 -34.33
N TYR E 64 7.15 3.86 -33.31
CA TYR E 64 6.04 4.81 -33.21
C TYR E 64 6.28 5.77 -32.05
N ALA E 65 5.99 7.04 -32.27
CA ALA E 65 6.08 8.07 -31.25
C ALA E 65 4.72 8.72 -31.08
N ASP E 66 4.08 8.48 -29.94
CA ASP E 66 2.74 8.99 -29.67
C ASP E 66 2.83 10.19 -28.75
N SER E 67 2.21 11.31 -29.15
CA SER E 67 2.31 12.57 -28.44
C SER E 67 0.94 13.02 -27.97
N PHE E 68 0.85 13.43 -26.71
CA PHE E 68 -0.38 14.00 -26.16
C PHE E 68 -0.05 14.73 -24.87
N VAL E 69 -0.99 15.57 -24.43
CA VAL E 69 -0.85 16.36 -23.21
C VAL E 69 -1.93 15.93 -22.23
N ILE E 70 -1.53 15.58 -21.01
CA ILE E 70 -2.43 15.16 -19.96
C ILE E 70 -2.02 15.87 -18.67
N ARG E 71 -2.82 15.68 -17.63
CA ARG E 71 -2.48 16.19 -16.31
C ARG E 71 -1.41 15.32 -15.65
N GLY E 72 -0.73 15.88 -14.67
CA GLY E 72 0.28 15.13 -13.94
C GLY E 72 -0.31 13.96 -13.18
N ASP E 73 -1.51 14.13 -12.62
CA ASP E 73 -2.16 13.04 -11.90
C ASP E 73 -2.42 11.85 -12.80
N GLU E 74 -2.61 12.08 -14.10
CA GLU E 74 -2.97 11.05 -15.04
C GLU E 74 -1.76 10.41 -15.73
N VAL E 75 -0.55 10.87 -15.41
CA VAL E 75 0.64 10.30 -16.06
C VAL E 75 0.79 8.83 -15.69
N ARG E 76 0.43 8.48 -14.45
CA ARG E 76 0.51 7.08 -14.03
C ARG E 76 -0.42 6.19 -14.84
N GLN E 77 -1.48 6.75 -15.42
CA GLN E 77 -2.39 5.94 -16.22
C GLN E 77 -1.75 5.47 -17.52
N ILE E 78 -0.63 6.08 -17.93
CA ILE E 78 0.08 5.64 -19.16
C ILE E 78 1.04 4.55 -18.72
N ALA E 79 0.50 3.34 -18.57
CA ALA E 79 1.24 2.18 -18.10
C ALA E 79 0.38 0.94 -18.30
N PRO E 80 0.98 -0.21 -18.61
CA PRO E 80 0.17 -1.43 -18.83
C PRO E 80 -0.62 -1.80 -17.59
N GLY E 81 -1.85 -2.26 -17.83
CA GLY E 81 -2.72 -2.69 -16.75
C GLY E 81 -3.36 -1.57 -15.95
N GLN E 82 -3.20 -0.32 -16.38
CA GLN E 82 -3.75 0.80 -15.64
C GLN E 82 -5.20 1.06 -16.06
N THR E 83 -5.94 1.73 -15.16
CA THR E 83 -7.33 2.06 -15.41
C THR E 83 -7.61 3.49 -14.96
N GLY E 84 -8.53 4.13 -15.67
CA GLY E 84 -8.87 5.51 -15.38
C GLY E 84 -9.65 6.10 -16.54
N LYS E 85 -9.92 7.41 -16.44
CA LYS E 85 -10.61 8.08 -17.53
C LYS E 85 -9.78 8.03 -18.81
N ILE E 86 -8.48 8.26 -18.70
CA ILE E 86 -7.63 8.33 -19.87
C ILE E 86 -7.25 6.94 -20.37
N ALA E 87 -6.92 6.03 -19.45
CA ALA E 87 -6.54 4.68 -19.86
C ALA E 87 -7.69 3.92 -20.51
N ASP E 88 -8.94 4.31 -20.22
CA ASP E 88 -10.09 3.61 -20.76
C ASP E 88 -10.72 4.30 -21.96
N TYR E 89 -10.64 5.64 -22.02
CA TYR E 89 -11.39 6.38 -23.03
C TYR E 89 -10.53 7.24 -23.95
N ASN E 90 -9.25 7.44 -23.64
CA ASN E 90 -8.41 8.32 -24.46
C ASN E 90 -7.19 7.63 -25.01
N TYR E 91 -6.42 6.93 -24.19
CA TYR E 91 -5.19 6.28 -24.64
C TYR E 91 -4.92 5.06 -23.78
N LYS E 92 -4.84 3.89 -24.42
CA LYS E 92 -4.68 2.62 -23.72
C LYS E 92 -3.42 1.93 -24.18
N LEU E 93 -2.63 1.44 -23.22
CA LEU E 93 -1.43 0.65 -23.46
C LEU E 93 -1.68 -0.82 -23.21
N PRO E 94 -1.22 -1.69 -24.11
CA PRO E 94 -1.42 -3.13 -23.91
C PRO E 94 -0.63 -3.64 -22.71
N ASP E 95 -1.14 -4.72 -22.12
CA ASP E 95 -0.49 -5.29 -20.93
C ASP E 95 0.90 -5.80 -21.24
N ASP E 96 1.15 -6.19 -22.50
CA ASP E 96 2.47 -6.63 -22.94
C ASP E 96 3.26 -5.50 -23.60
N PHE E 97 3.06 -4.27 -23.14
CA PHE E 97 3.67 -3.11 -23.78
C PHE E 97 5.19 -3.22 -23.76
N THR E 98 5.80 -3.02 -24.92
CA THR E 98 7.24 -3.08 -25.10
C THR E 98 7.70 -1.71 -25.62
N GLY E 99 7.97 -0.80 -24.68
CA GLY E 99 8.40 0.52 -25.05
C GLY E 99 8.62 1.37 -23.82
N CYS E 100 8.80 2.67 -24.06
CA CYS E 100 9.07 3.62 -22.99
C CYS E 100 8.00 4.70 -22.98
N VAL E 101 7.66 5.16 -21.78
CA VAL E 101 6.73 6.27 -21.60
C VAL E 101 7.50 7.44 -21.03
N ILE E 102 7.52 8.54 -21.76
CA ILE E 102 8.31 9.73 -21.41
C ILE E 102 7.36 10.89 -21.19
N ALA E 103 7.55 11.58 -20.06
CA ALA E 103 6.71 12.73 -19.73
C ALA E 103 7.58 13.81 -19.08
N TRP E 104 7.13 15.05 -19.20
CA TRP E 104 7.79 16.18 -18.55
C TRP E 104 6.79 17.29 -18.35
N ASN E 105 7.02 18.09 -17.31
CA ASN E 105 6.13 19.20 -17.01
C ASN E 105 6.20 20.26 -18.09
N SER E 106 5.04 20.79 -18.47
CA SER E 106 4.94 21.81 -19.51
C SER E 106 4.01 22.94 -19.06
N ASN E 107 4.14 23.36 -17.80
CA ASN E 107 3.33 24.46 -17.30
C ASN E 107 3.70 25.77 -17.99
N ASN E 108 4.95 25.91 -18.42
CA ASN E 108 5.37 27.14 -19.10
C ASN E 108 4.71 27.27 -20.47
N LEU E 109 4.59 26.17 -21.20
CA LEU E 109 4.17 26.22 -22.60
C LEU E 109 2.66 26.08 -22.77
N ASP E 110 2.06 25.03 -22.22
CA ASP E 110 0.70 24.64 -22.54
C ASP E 110 -0.35 25.21 -21.58
N SER E 111 0.05 26.00 -20.59
CA SER E 111 -0.88 26.58 -19.63
C SER E 111 -1.03 28.07 -19.91
N LYS E 112 -2.27 28.50 -20.11
CA LYS E 112 -2.57 29.90 -20.40
C LYS E 112 -3.55 30.43 -19.35
N VAL E 113 -3.27 31.63 -18.84
CA VAL E 113 -4.11 32.25 -17.82
C VAL E 113 -5.52 32.49 -18.36
N ASN E 116 -3.98 26.19 -22.82
CA ASN E 116 -5.06 26.72 -22.01
C ASN E 116 -6.41 26.65 -22.71
N TYR E 117 -7.31 25.84 -22.17
CA TYR E 117 -8.66 25.62 -22.68
C TYR E 117 -8.68 25.06 -24.10
N ASN E 118 -7.54 24.57 -24.59
CA ASN E 118 -7.48 23.97 -25.92
C ASN E 118 -7.22 22.46 -25.90
N TYR E 119 -6.66 21.94 -24.81
CA TYR E 119 -6.41 20.50 -24.68
C TYR E 119 -7.65 19.83 -24.12
N LEU E 120 -8.11 18.77 -24.79
CA LEU E 120 -9.36 18.10 -24.47
C LEU E 120 -9.11 16.63 -24.19
N TYR E 121 -10.07 16.02 -23.48
CA TYR E 121 -10.04 14.60 -23.19
C TYR E 121 -11.47 14.07 -23.25
N ARG E 122 -11.59 12.79 -23.59
CA ARG E 122 -12.89 12.14 -23.67
C ARG E 122 -13.38 11.78 -22.28
N LEU E 123 -14.57 12.24 -21.93
CA LEU E 123 -15.13 12.05 -20.60
C LEU E 123 -16.18 10.96 -20.54
N PHE E 124 -16.94 10.75 -21.62
CA PHE E 124 -18.00 9.75 -21.67
C PHE E 124 -17.74 8.78 -22.80
N ARG E 125 -17.87 7.49 -22.52
CA ARG E 125 -17.79 6.46 -23.55
C ARG E 125 -18.43 5.19 -23.01
N LYS E 126 -19.12 4.46 -23.89
CA LYS E 126 -19.87 3.29 -23.44
C LYS E 126 -18.96 2.11 -23.12
N SER E 127 -17.80 2.00 -23.76
CA SER E 127 -16.89 0.89 -23.55
C SER E 127 -15.47 1.39 -23.49
N ASN E 128 -14.59 0.60 -22.88
CA ASN E 128 -13.19 0.95 -22.76
C ASN E 128 -12.48 0.85 -24.11
N LEU E 129 -11.39 1.58 -24.24
CA LEU E 129 -10.59 1.58 -25.46
C LEU E 129 -9.73 0.33 -25.54
N LYS E 130 -9.68 -0.26 -26.74
CA LYS E 130 -8.70 -1.29 -27.01
C LYS E 130 -7.32 -0.66 -27.13
N PRO E 131 -6.26 -1.44 -26.90
CA PRO E 131 -4.91 -0.86 -26.90
C PRO E 131 -4.56 -0.19 -28.22
N PHE E 132 -3.90 0.97 -28.14
CA PHE E 132 -3.46 1.73 -29.31
C PHE E 132 -4.63 2.08 -30.23
N GLU E 133 -5.76 2.45 -29.65
CA GLU E 133 -6.95 2.84 -30.40
C GLU E 133 -7.17 4.34 -30.26
N ARG E 134 -7.50 4.99 -31.37
CA ARG E 134 -7.72 6.43 -31.43
C ARG E 134 -9.19 6.68 -31.73
N ASP E 135 -9.86 7.44 -30.85
CA ASP E 135 -11.25 7.80 -31.03
C ASP E 135 -11.35 9.32 -31.02
N ILE E 136 -11.85 9.89 -32.10
CA ILE E 136 -11.96 11.33 -32.26
C ILE E 136 -13.42 11.77 -32.44
N SER E 137 -14.36 10.89 -32.11
CA SER E 137 -15.78 11.20 -32.30
C SER E 137 -16.22 12.32 -31.37
N THR E 138 -16.89 13.32 -31.93
CA THR E 138 -17.51 14.39 -31.16
C THR E 138 -19.02 14.24 -31.08
N GLU E 139 -19.55 13.08 -31.46
CA GLU E 139 -20.99 12.85 -31.41
C GLU E 139 -21.48 12.92 -29.97
N ILE E 140 -22.67 13.51 -29.79
CA ILE E 140 -23.20 13.72 -28.46
C ILE E 140 -23.48 12.38 -27.80
N TYR E 141 -22.94 12.19 -26.59
CA TYR E 141 -23.10 10.95 -25.86
C TYR E 141 -24.54 10.82 -25.36
N GLN E 142 -25.14 9.66 -25.60
CA GLN E 142 -26.54 9.41 -25.24
C GLN E 142 -26.57 8.60 -23.95
N ALA E 143 -26.95 9.25 -22.85
CA ALA E 143 -27.00 8.62 -21.54
C ALA E 143 -28.37 8.06 -21.21
N GLY E 144 -29.35 8.18 -22.10
CA GLY E 144 -30.68 7.66 -21.86
C GLY E 144 -31.20 6.92 -23.08
N SER E 145 -32.46 6.48 -22.97
CA SER E 145 -33.11 5.82 -24.09
C SER E 145 -33.54 6.80 -25.17
N THR E 146 -33.68 8.08 -24.83
CA THR E 146 -34.10 9.09 -25.80
C THR E 146 -32.93 9.43 -26.73
N PRO E 147 -33.12 9.36 -28.05
CA PRO E 147 -32.06 9.81 -28.95
C PRO E 147 -31.79 11.30 -28.79
N CYS E 148 -30.53 11.67 -29.01
CA CYS E 148 -30.09 13.04 -28.74
C CYS E 148 -30.19 13.97 -29.93
N ASN E 149 -30.18 13.43 -31.15
CA ASN E 149 -30.31 14.23 -32.38
C ASN E 149 -29.19 15.28 -32.50
N GLY E 150 -28.04 15.00 -31.89
CA GLY E 150 -26.90 15.87 -32.04
C GLY E 150 -26.94 17.18 -31.27
N VAL E 151 -27.87 17.33 -30.32
CA VAL E 151 -27.98 18.54 -29.52
C VAL E 151 -27.81 18.17 -28.05
N GLU E 152 -26.94 18.91 -27.36
CA GLU E 152 -26.72 18.68 -25.94
C GLU E 152 -27.98 19.00 -25.14
N GLY E 153 -28.21 18.22 -24.08
CA GLY E 153 -29.34 18.44 -23.21
C GLY E 153 -29.42 17.44 -22.08
N PHE E 154 -30.63 17.14 -21.62
CA PHE E 154 -30.81 16.14 -20.58
C PHE E 154 -30.48 14.76 -21.13
N ASN E 155 -29.65 14.01 -20.39
CA ASN E 155 -29.15 12.70 -20.81
C ASN E 155 -28.39 12.77 -22.13
N CYS E 156 -27.88 13.94 -22.49
CA CYS E 156 -27.14 14.13 -23.74
C CYS E 156 -25.98 15.07 -23.45
N TYR E 157 -24.77 14.51 -23.38
CA TYR E 157 -23.59 15.27 -23.00
C TYR E 157 -22.57 15.26 -24.13
N PHE E 158 -21.83 16.35 -24.27
CA PHE E 158 -20.71 16.39 -25.18
C PHE E 158 -19.61 15.49 -24.63
N PRO E 159 -19.12 14.51 -25.39
CA PRO E 159 -18.19 13.53 -24.81
C PRO E 159 -16.81 14.09 -24.47
N LEU E 160 -16.50 15.32 -24.88
CA LEU E 160 -15.19 15.89 -24.70
C LEU E 160 -15.22 16.98 -23.63
N GLN E 161 -14.21 16.96 -22.76
CA GLN E 161 -14.03 17.97 -21.71
C GLN E 161 -12.65 18.58 -21.86
N SER E 162 -12.52 19.84 -21.48
CA SER E 162 -11.29 20.60 -21.65
C SER E 162 -10.58 20.79 -20.33
N TYR E 163 -9.27 20.59 -20.33
CA TYR E 163 -8.46 20.88 -19.15
C TYR E 163 -8.38 22.39 -18.94
N GLY E 164 -8.46 22.81 -17.68
CA GLY E 164 -8.29 24.22 -17.37
C GLY E 164 -6.89 24.70 -17.68
N PHE E 165 -5.88 23.98 -17.18
CA PHE E 165 -4.46 24.28 -17.41
C PHE E 165 -4.14 25.73 -17.07
N GLN E 166 -4.37 26.07 -15.81
CA GLN E 166 -4.01 27.38 -15.27
C GLN E 166 -2.67 27.31 -14.56
N PRO E 167 -1.78 28.28 -14.78
CA PRO E 167 -0.46 28.23 -14.12
C PRO E 167 -0.52 28.30 -12.61
N THR E 168 -1.62 28.78 -12.04
CA THR E 168 -1.76 28.87 -10.59
C THR E 168 -2.19 27.57 -9.94
N ASN E 169 -2.47 26.53 -10.72
CA ASN E 169 -2.89 25.25 -10.17
C ASN E 169 -1.71 24.48 -9.57
N GLY E 170 -2.04 23.38 -8.91
CA GLY E 170 -1.01 22.54 -8.33
C GLY E 170 -0.26 21.75 -9.38
N VAL E 171 0.76 21.02 -8.93
CA VAL E 171 1.60 20.26 -9.84
C VAL E 171 0.80 19.15 -10.51
N GLY E 172 -0.13 18.54 -9.77
CA GLY E 172 -0.94 17.49 -10.35
C GLY E 172 -1.84 17.97 -11.47
N TYR E 173 -2.33 19.21 -11.38
CA TYR E 173 -3.17 19.80 -12.41
C TYR E 173 -2.38 20.37 -13.59
N GLN E 174 -1.07 20.54 -13.44
CA GLN E 174 -0.28 21.16 -14.49
C GLN E 174 -0.20 20.23 -15.70
N PRO E 175 -0.19 20.79 -16.92
CA PRO E 175 -0.07 19.96 -18.11
C PRO E 175 1.28 19.26 -18.16
N TYR E 176 1.29 18.06 -18.73
CA TYR E 176 2.49 17.25 -18.90
C TYR E 176 2.51 16.69 -20.31
N ARG E 177 3.47 17.11 -21.11
CA ARG E 177 3.65 16.54 -22.43
C ARG E 177 4.18 15.12 -22.29
N VAL E 178 3.51 14.17 -22.94
CA VAL E 178 3.84 12.75 -22.85
C VAL E 178 4.13 12.22 -24.24
N VAL E 179 5.26 11.54 -24.39
CA VAL E 179 5.62 10.86 -25.63
C VAL E 179 5.80 9.37 -25.32
N VAL E 180 5.08 8.53 -26.05
CA VAL E 180 5.12 7.09 -25.87
C VAL E 180 5.84 6.49 -27.07
N LEU E 181 6.91 5.74 -26.79
CA LEU E 181 7.70 5.11 -27.83
C LEU E 181 7.32 3.64 -27.92
N SER E 182 6.82 3.22 -29.07
CA SER E 182 6.44 1.83 -29.33
C SER E 182 7.33 1.28 -30.43
N PHE E 183 7.86 0.09 -30.23
CA PHE E 183 8.83 -0.52 -31.13
C PHE E 183 8.22 -1.74 -31.81
N GLU E 184 8.32 -1.78 -33.13
CA GLU E 184 7.75 -2.85 -33.93
C GLU E 184 8.85 -3.69 -34.56
N LEU E 185 8.69 -5.00 -34.51
CA LEU E 185 9.70 -5.97 -34.95
C LEU E 185 9.11 -6.97 -35.93
N LEU E 186 8.40 -6.47 -36.95
CA LEU E 186 7.84 -7.34 -37.97
C LEU E 186 8.94 -8.12 -38.70
N HIS E 187 8.52 -9.18 -39.39
CA HIS E 187 9.45 -10.00 -40.16
C HIS E 187 10.01 -9.26 -41.37
N ALA E 188 9.42 -8.13 -41.74
CA ALA E 188 9.93 -7.34 -42.85
C ALA E 188 11.33 -6.82 -42.50
N PRO E 189 12.16 -6.53 -43.50
CA PRO E 189 13.52 -6.06 -43.23
C PRO E 189 13.52 -4.83 -42.33
N ALA E 190 14.40 -4.85 -41.32
CA ALA E 190 14.45 -3.77 -40.37
C ALA E 190 14.96 -2.49 -41.02
N THR E 191 14.32 -1.37 -40.70
CA THR E 191 14.66 -0.08 -41.29
C THR E 191 15.06 0.97 -40.26
N VAL E 192 14.88 0.71 -38.97
CA VAL E 192 15.25 1.63 -37.91
C VAL E 192 16.32 0.94 -37.07
N CYS E 193 17.58 1.31 -37.29
CA CYS E 193 18.71 0.79 -36.54
C CYS E 193 19.43 1.95 -35.86
N GLY E 194 20.58 1.65 -35.28
CA GLY E 194 21.41 2.65 -34.65
C GLY E 194 22.86 2.52 -35.05
N PRO E 195 23.73 3.32 -34.42
CA PRO E 195 25.18 3.26 -34.66
C PRO E 195 25.79 1.91 -34.28
C1 NAG F . 15.07 19.69 -27.94
C2 NAG F . 16.04 18.62 -28.48
C3 NAG F . 17.23 18.43 -27.54
C4 NAG F . 17.82 19.75 -27.07
C5 NAG F . 16.68 20.61 -26.50
C6 NAG F . 17.11 21.93 -25.90
C7 NAG F . 15.71 16.31 -29.36
C8 NAG F . 14.76 15.14 -29.34
N2 NAG F . 15.32 17.38 -28.64
O3 NAG F . 18.20 17.65 -28.22
O4 NAG F . 18.80 19.47 -26.10
O5 NAG F . 15.78 20.85 -27.56
O6 NAG F . 15.98 22.58 -25.36
O7 NAG F . 16.76 16.27 -29.99
#